data_6LN8
#
_entry.id   6LN8
#
_cell.length_a   1.00
_cell.length_b   1.00
_cell.length_c   1.00
_cell.angle_alpha   90.00
_cell.angle_beta   90.00
_cell.angle_gamma   90.00
#
_symmetry.space_group_name_H-M   'P 1'
#
loop_
_entity.id
_entity.type
_entity.pdbx_description
1 polymer 'Sarcoplasmic/endoplasmic reticulum calcium ATPase 2'
2 non-polymer 'BERYLLIUM TRIFLUORIDE ION'
3 non-polymer 'MAGNESIUM ION'
#
_entity_poly.entity_id   1
_entity_poly.type   'polypeptide(L)'
_entity_poly.pdbx_seq_one_letter_code
;MGGVAMPGAEDDVVRENLYFQGKDGLAAMENAHTKTVEEVLGHFGVNESTGLSLEQVKKLKERWGSNELPAEEGKTLLEL
VIEQFEDLLVRILLLAACISFVLAWFEEGEETITAFVEPFVILLILVANAIVGVWQERNAENAIEALKEYEPEMGKVYRQ
DRKSVQRIKAKDIVPGDIVEIAVGDKVPADIRLTSIKSTTLRVDQSILTGESVSVIKHTDPVPDPRAVNQDKKNMLFSGT
NIAAGKAMGVVVATGVNTEIGKIRDEMVATEQERTPLQQKLDEFGEQLSKVISLICIAVWIINIGHFNDPVHGGSWIRGA
IYYFKIAVALAVAAIPEGLPAVITTCLALGTRRMAKKNAIVRSLPSVETLGCTSVICSDKTGTLTTNQMSVCRMFILDRV
EGDTCSLNEFTITGSTYAPIGEVHKDDKPVNCHQYDGLVELATICALCNDSALDYNEAKGVYEKVGEATETALTCLVEKM
NVFDTELKGLSKIERANACNSVIKQLMKKEFTLEFSRDRKSMSVYCTPNKPSRTSMSKMFVKGAPEGVIDRCTHIRVGST
KVPMTSGVKQKIMSVIREWGSGSDTLRCLALATHDNPLRREEMHLEDSANFIKYETNLTFVGCVGMLDPPRIEVASSVKL
CRQAGIRVIMITGDNKGTAVAICRRIGIFGQDEDVTSKAFTGREFDELNPSAQRDACLNARCFARVEPSHKSKIVEFLQS
FDEITAMTGDGVNDAPALKKAEIGIAMGSGTAVAKTASEMVLADDNFSTIVAAVEEGRAIYNNMKQFIRYLISSNVGEVV
CIFLTAALGFPEALIPVQLLWVNLVTDGLPATALGFNPPDLDIMNKPPRNPKEPLISGWLFFRYLAIGCYVGAATVGAAA
WWFIAADGGPRVSFYQLSHFLQCKEDNPDFEGVDCAIFESPYPMTMALSVLVTIEMCNALNSLSENQSLLRMPPWENIWL
VGSICLSMSLHFLILYVEPLPLIFQITPLNVTQWLMVLKISLPVILMDETLKFVARNYLEPGKECVQPATKSCSFSACTD
GISWPFVLLIMPLVIWVYS
;
_entity_poly.pdbx_strand_id   A
#
loop_
_chem_comp.id
_chem_comp.type
_chem_comp.name
_chem_comp.formula
BEF non-polymer 'BERYLLIUM TRIFLUORIDE ION' 'Be F3 -1'
MG non-polymer 'MAGNESIUM ION' 'Mg 2'
#
# COMPACT_ATOMS: atom_id res chain seq x y z
N MET A 29 1.73 2.40 -39.27
CA MET A 29 1.57 0.99 -39.60
C MET A 29 0.62 0.31 -38.62
N GLU A 30 -0.53 -0.12 -39.13
CA GLU A 30 -1.54 -0.79 -38.32
C GLU A 30 -1.41 -2.29 -38.45
N ASN A 31 -1.36 -2.98 -37.31
CA ASN A 31 -1.30 -4.44 -37.27
C ASN A 31 -0.09 -4.96 -38.04
N ALA A 32 1.10 -4.55 -37.59
CA ALA A 32 2.33 -4.96 -38.24
C ALA A 32 2.62 -6.45 -38.06
N HIS A 33 2.03 -7.09 -37.04
CA HIS A 33 2.26 -8.50 -36.81
C HIS A 33 1.52 -9.38 -37.82
N THR A 34 0.53 -8.82 -38.51
CA THR A 34 -0.24 -9.57 -39.49
C THR A 34 0.32 -9.46 -40.89
N LYS A 35 1.38 -8.67 -41.09
CA LYS A 35 1.95 -8.42 -42.39
C LYS A 35 3.35 -9.00 -42.48
N THR A 36 3.71 -9.47 -43.67
CA THR A 36 5.00 -10.08 -43.89
C THR A 36 6.11 -9.04 -43.76
N VAL A 37 7.36 -9.52 -43.72
CA VAL A 37 8.50 -8.64 -43.53
C VAL A 37 8.67 -7.72 -44.73
N GLU A 38 8.43 -8.24 -45.94
CA GLU A 38 8.70 -7.47 -47.15
C GLU A 38 7.78 -6.25 -47.24
N GLU A 39 6.49 -6.45 -47.00
CA GLU A 39 5.55 -5.34 -47.16
C GLU A 39 5.67 -4.31 -46.04
N VAL A 40 6.02 -4.77 -44.83
CA VAL A 40 6.22 -3.79 -43.76
C VAL A 40 7.52 -3.03 -43.97
N LEU A 41 8.52 -3.67 -44.58
CA LEU A 41 9.73 -2.95 -44.99
C LEU A 41 9.42 -1.92 -46.07
N GLY A 42 8.55 -2.27 -47.02
CA GLY A 42 8.23 -1.36 -48.11
C GLY A 42 7.31 -0.23 -47.71
N HIS A 43 6.47 -0.44 -46.69
CA HIS A 43 5.57 0.61 -46.25
C HIS A 43 6.32 1.81 -45.71
N PHE A 44 7.44 1.57 -45.01
CA PHE A 44 8.26 2.65 -44.48
C PHE A 44 9.32 3.12 -45.45
N GLY A 45 9.50 2.45 -46.58
CA GLY A 45 10.52 2.82 -47.54
C GLY A 45 11.92 2.67 -46.97
N VAL A 46 12.16 1.55 -46.30
CA VAL A 46 13.44 1.29 -45.65
C VAL A 46 13.95 -0.07 -46.11
N ASN A 47 15.26 -0.17 -46.33
CA ASN A 47 15.90 -1.41 -46.71
C ASN A 47 16.61 -2.00 -45.50
N GLU A 48 16.42 -3.29 -45.27
CA GLU A 48 16.96 -3.92 -44.07
C GLU A 48 18.48 -3.93 -44.07
N SER A 49 19.09 -3.98 -45.25
CA SER A 49 20.54 -4.05 -45.33
C SER A 49 21.18 -2.69 -45.04
N THR A 50 20.61 -1.62 -45.59
CA THR A 50 21.19 -0.29 -45.45
C THR A 50 20.60 0.45 -44.26
N GLY A 51 19.28 0.63 -44.26
CA GLY A 51 18.62 1.34 -43.17
C GLY A 51 17.90 2.58 -43.63
N LEU A 52 17.92 3.63 -42.80
CA LEU A 52 17.27 4.89 -43.11
C LEU A 52 18.29 5.98 -43.37
N SER A 53 17.84 6.99 -44.11
CA SER A 53 18.64 8.18 -44.39
C SER A 53 18.22 9.33 -43.48
N LEU A 54 19.15 10.27 -43.29
CA LEU A 54 18.87 11.40 -42.39
C LEU A 54 17.68 12.20 -42.85
N GLU A 55 17.43 12.24 -44.16
CA GLU A 55 16.24 12.91 -44.66
C GLU A 55 14.97 12.23 -44.14
N GLN A 56 14.91 10.91 -44.27
CA GLN A 56 13.77 10.17 -43.72
C GLN A 56 13.75 10.26 -42.21
N VAL A 57 14.93 10.33 -41.58
CA VAL A 57 14.99 10.48 -40.13
C VAL A 57 14.27 11.75 -39.69
N LYS A 58 14.57 12.87 -40.35
CA LYS A 58 13.90 14.13 -39.97
C LYS A 58 12.43 14.11 -40.39
N LYS A 59 12.13 13.50 -41.54
CA LYS A 59 10.74 13.45 -42.00
C LYS A 59 9.87 12.67 -41.02
N LEU A 60 10.42 11.65 -40.37
CA LEU A 60 9.67 10.89 -39.37
C LEU A 60 9.73 11.53 -38.00
N LYS A 61 10.82 12.22 -37.67
CA LYS A 61 10.92 12.91 -36.38
C LYS A 61 9.95 14.08 -36.31
N GLU A 62 9.71 14.76 -37.42
CA GLU A 62 8.78 15.88 -37.42
C GLU A 62 7.32 15.43 -37.29
N ARG A 63 7.01 14.20 -37.69
CA ARG A 63 5.63 13.69 -37.59
C ARG A 63 5.41 13.00 -36.25
N TRP A 64 6.22 11.98 -35.96
CA TRP A 64 6.00 11.19 -34.75
C TRP A 64 6.55 11.90 -33.52
N GLY A 65 7.78 12.39 -33.60
CA GLY A 65 8.39 13.09 -32.49
C GLY A 65 9.40 12.24 -31.77
N SER A 66 9.60 12.58 -30.49
CA SER A 66 10.53 11.85 -29.65
C SER A 66 9.91 10.54 -29.18
N ASN A 67 10.76 9.53 -29.04
CA ASN A 67 10.34 8.21 -28.57
C ASN A 67 10.49 8.16 -27.06
N GLU A 68 9.53 8.77 -26.36
CA GLU A 68 9.53 8.79 -24.91
C GLU A 68 8.12 9.06 -24.42
N LEU A 69 7.87 8.69 -23.17
CA LEU A 69 6.54 8.88 -22.60
C LEU A 69 6.45 10.27 -21.95
N PRO A 70 5.33 10.96 -22.14
CA PRO A 70 5.18 12.29 -21.53
C PRO A 70 5.23 12.20 -20.01
N ALA A 71 6.03 13.08 -19.42
CA ALA A 71 6.26 13.07 -17.98
C ALA A 71 5.20 13.90 -17.28
N GLU A 72 4.50 13.29 -16.34
CA GLU A 72 3.57 13.98 -15.45
C GLU A 72 4.19 14.08 -14.07
N GLU A 73 4.34 15.30 -13.57
CA GLU A 73 5.02 15.55 -12.31
C GLU A 73 4.06 16.18 -11.32
N GLY A 74 4.49 16.26 -10.06
CA GLY A 74 3.66 16.85 -9.04
C GLY A 74 3.42 18.32 -9.30
N LYS A 75 2.18 18.75 -9.07
CA LYS A 75 1.78 20.13 -9.33
C LYS A 75 2.47 21.07 -8.33
N THR A 76 2.31 22.37 -8.58
CA THR A 76 2.88 23.36 -7.69
C THR A 76 2.14 23.35 -6.35
N LEU A 77 2.65 24.17 -5.41
CA LEU A 77 2.07 24.17 -4.07
C LEU A 77 0.64 24.69 -4.08
N LEU A 78 0.32 25.63 -4.98
CA LEU A 78 -1.01 26.22 -4.98
C LEU A 78 -2.08 25.19 -5.34
N GLU A 79 -1.87 24.45 -6.42
CA GLU A 79 -2.86 23.46 -6.83
C GLU A 79 -2.93 22.29 -5.87
N LEU A 80 -1.89 22.12 -5.05
CA LEU A 80 -1.97 21.12 -3.98
C LEU A 80 -2.79 21.64 -2.81
N VAL A 81 -2.62 22.90 -2.43
CA VAL A 81 -3.42 23.46 -1.35
C VAL A 81 -4.89 23.51 -1.75
N ILE A 82 -5.17 23.75 -3.03
CA ILE A 82 -6.56 23.75 -3.50
C ILE A 82 -7.25 22.44 -3.16
N GLU A 83 -6.54 21.31 -3.32
CA GLU A 83 -7.15 20.04 -2.98
C GLU A 83 -7.01 19.71 -1.50
N GLN A 84 -6.05 20.33 -0.80
CA GLN A 84 -6.00 20.19 0.65
C GLN A 84 -7.22 20.83 1.30
N PHE A 85 -7.77 21.87 0.68
CA PHE A 85 -8.99 22.51 1.15
C PHE A 85 -10.25 21.89 0.55
N GLU A 86 -10.18 20.65 0.06
CA GLU A 86 -11.35 20.03 -0.55
C GLU A 86 -12.19 19.27 0.46
N ASP A 87 -11.64 19.01 1.65
CA ASP A 87 -12.40 18.31 2.68
C ASP A 87 -13.57 19.15 3.14
N LEU A 88 -14.69 18.49 3.42
CA LEU A 88 -15.89 19.21 3.83
C LEU A 88 -15.72 19.84 5.21
N LEU A 89 -14.96 19.19 6.09
CA LEU A 89 -14.72 19.76 7.42
C LEU A 89 -13.92 21.06 7.31
N VAL A 90 -12.91 21.08 6.44
CA VAL A 90 -12.13 22.30 6.26
C VAL A 90 -12.98 23.40 5.65
N ARG A 91 -13.87 23.05 4.72
CA ARG A 91 -14.78 24.05 4.17
C ARG A 91 -15.72 24.59 5.23
N ILE A 92 -16.20 23.73 6.13
CA ILE A 92 -17.07 24.17 7.21
C ILE A 92 -16.31 25.12 8.14
N LEU A 93 -15.06 24.79 8.45
CA LEU A 93 -14.28 25.65 9.32
C LEU A 93 -13.99 26.99 8.66
N LEU A 94 -13.70 26.99 7.36
CA LEU A 94 -13.45 28.25 6.67
C LEU A 94 -14.72 29.10 6.59
N LEU A 95 -15.86 28.45 6.37
CA LEU A 95 -17.12 29.19 6.38
C LEU A 95 -17.40 29.79 7.75
N ALA A 96 -17.19 29.02 8.82
CA ALA A 96 -17.39 29.54 10.16
C ALA A 96 -16.43 30.68 10.46
N ALA A 97 -15.20 30.59 9.98
CA ALA A 97 -14.23 31.66 10.22
C ALA A 97 -14.64 32.94 9.49
N CYS A 98 -15.04 32.82 8.23
CA CYS A 98 -15.51 34.00 7.50
C CYS A 98 -16.76 34.59 8.15
N ILE A 99 -17.65 33.73 8.63
CA ILE A 99 -18.87 34.20 9.27
C ILE A 99 -18.54 34.96 10.56
N SER A 100 -17.68 34.39 11.40
CA SER A 100 -17.32 35.07 12.63
C SER A 100 -16.52 36.35 12.34
N PHE A 101 -15.81 36.41 11.23
CA PHE A 101 -15.09 37.63 10.87
C PHE A 101 -16.06 38.73 10.46
N VAL A 102 -17.02 38.41 9.58
CA VAL A 102 -18.00 39.42 9.18
C VAL A 102 -18.94 39.77 10.33
N LEU A 103 -19.03 38.90 11.34
CA LEU A 103 -19.80 39.23 12.53
C LEU A 103 -19.02 40.13 13.48
N ALA A 104 -17.71 39.94 13.58
CA ALA A 104 -16.89 40.83 14.39
C ALA A 104 -16.72 42.19 13.75
N TRP A 105 -17.04 42.33 12.46
CA TRP A 105 -16.90 43.59 11.74
C TRP A 105 -18.09 44.53 11.98
N PHE A 106 -19.20 44.03 12.51
CA PHE A 106 -20.35 44.89 12.74
C PHE A 106 -20.04 46.00 13.75
N GLU A 107 -19.10 45.73 14.66
CA GLU A 107 -18.63 46.79 15.55
C GLU A 107 -17.85 47.82 14.74
N GLU A 108 -18.19 49.10 14.95
CA GLU A 108 -17.56 50.16 14.17
C GLU A 108 -16.07 50.23 14.43
N GLY A 109 -15.65 49.95 15.66
CA GLY A 109 -14.23 49.98 15.97
C GLY A 109 -13.48 48.86 15.27
N GLU A 110 -12.39 49.23 14.61
CA GLU A 110 -11.53 48.29 13.91
C GLU A 110 -10.43 47.73 14.79
N GLU A 111 -10.26 48.28 16.00
CA GLU A 111 -9.19 47.88 16.90
C GLU A 111 -9.62 46.81 17.90
N THR A 112 -10.79 46.20 17.70
CA THR A 112 -11.28 45.14 18.58
C THR A 112 -10.48 43.87 18.28
N ILE A 113 -9.29 43.79 18.87
CA ILE A 113 -8.40 42.66 18.62
C ILE A 113 -8.91 41.39 19.29
N THR A 114 -9.60 41.51 20.43
CA THR A 114 -10.09 40.33 21.13
C THR A 114 -11.19 39.63 20.33
N ALA A 115 -11.82 40.35 19.40
CA ALA A 115 -12.86 39.74 18.58
C ALA A 115 -12.27 39.05 17.36
N PHE A 116 -11.18 39.60 16.80
CA PHE A 116 -10.57 39.04 15.61
C PHE A 116 -9.55 37.94 15.92
N VAL A 117 -9.38 37.58 17.18
CA VAL A 117 -8.39 36.56 17.53
C VAL A 117 -8.89 35.17 17.14
N GLU A 118 -10.20 35.00 17.05
CA GLU A 118 -10.75 33.69 16.72
C GLU A 118 -10.59 33.34 15.24
N PRO A 119 -11.02 34.17 14.29
CA PRO A 119 -10.80 33.80 12.87
C PRO A 119 -9.34 33.68 12.52
N PHE A 120 -8.48 34.48 13.16
CA PHE A 120 -7.04 34.40 12.87
C PHE A 120 -6.48 33.04 13.23
N VAL A 121 -6.83 32.52 14.41
CA VAL A 121 -6.30 31.21 14.81
C VAL A 121 -6.95 30.10 14.03
N ILE A 122 -8.22 30.26 13.63
CA ILE A 122 -8.83 29.25 12.75
C ILE A 122 -8.10 29.19 11.42
N LEU A 123 -7.78 30.35 10.85
CA LEU A 123 -7.05 30.38 9.59
C LEU A 123 -5.65 29.80 9.76
N LEU A 124 -5.01 30.08 10.89
CA LEU A 124 -3.69 29.49 11.16
C LEU A 124 -3.78 27.97 11.22
N ILE A 125 -4.81 27.44 11.88
CA ILE A 125 -4.97 26.00 11.98
C ILE A 125 -5.19 25.39 10.60
N LEU A 126 -6.05 26.00 9.78
CA LEU A 126 -6.32 25.47 8.45
C LEU A 126 -5.08 25.52 7.57
N VAL A 127 -4.31 26.61 7.65
CA VAL A 127 -3.10 26.74 6.85
C VAL A 127 -2.06 25.71 7.28
N ALA A 128 -1.94 25.48 8.59
CA ALA A 128 -1.01 24.46 9.07
C ALA A 128 -1.43 23.07 8.61
N ASN A 129 -2.73 22.78 8.65
CA ASN A 129 -3.23 21.50 8.16
C ASN A 129 -2.88 21.30 6.70
N ALA A 130 -3.14 22.32 5.87
CA ALA A 130 -2.83 22.23 4.45
C ALA A 130 -1.33 22.05 4.21
N ILE A 131 -0.51 22.76 4.99
CA ILE A 131 0.94 22.65 4.82
C ILE A 131 1.42 21.26 5.18
N VAL A 132 0.88 20.68 6.25
CA VAL A 132 1.29 19.32 6.63
C VAL A 132 0.88 18.33 5.56
N GLY A 133 -0.33 18.47 5.02
CA GLY A 133 -0.74 17.58 3.94
C GLY A 133 0.16 17.68 2.71
N VAL A 134 0.47 18.92 2.29
CA VAL A 134 1.33 19.10 1.12
C VAL A 134 2.73 18.56 1.39
N TRP A 135 3.24 18.77 2.60
CA TRP A 135 4.58 18.28 2.94
C TRP A 135 4.62 16.77 2.90
N GLN A 136 3.58 16.11 3.39
CA GLN A 136 3.55 14.65 3.33
C GLN A 136 3.48 14.16 1.89
N GLU A 137 2.62 14.79 1.08
CA GLU A 137 2.54 14.41 -0.34
C GLU A 137 3.90 14.54 -1.02
N ARG A 138 4.58 15.67 -0.80
CA ARG A 138 5.87 15.91 -1.47
C ARG A 138 6.95 14.97 -0.95
N ASN A 139 6.95 14.68 0.35
CA ASN A 139 7.94 13.76 0.90
C ASN A 139 7.73 12.36 0.34
N ALA A 140 6.47 11.93 0.21
CA ALA A 140 6.20 10.63 -0.39
C ALA A 140 6.64 10.60 -1.85
N GLU A 141 6.33 11.65 -2.60
CA GLU A 141 6.74 11.72 -4.00
C GLU A 141 8.25 11.67 -4.14
N ASN A 142 8.98 12.31 -3.22
CA ASN A 142 10.43 12.31 -3.28
C ASN A 142 11.00 10.96 -2.88
N ALA A 143 10.36 10.27 -1.94
CA ALA A 143 10.85 8.98 -1.50
C ALA A 143 10.69 7.90 -2.56
N ILE A 144 9.81 8.11 -3.54
CA ILE A 144 9.60 7.11 -4.58
C ILE A 144 10.58 7.31 -5.72
N GLU A 145 10.98 8.56 -5.98
CA GLU A 145 11.97 8.82 -7.02
C GLU A 145 13.32 8.20 -6.69
N ALA A 146 13.59 7.92 -5.42
CA ALA A 146 14.81 7.20 -5.06
C ALA A 146 14.74 5.74 -5.44
N LEU A 147 13.55 5.19 -5.63
CA LEU A 147 13.39 3.81 -6.11
C LEU A 147 13.34 3.76 -7.63
N LYS A 148 14.34 4.36 -8.27
CA LYS A 148 14.39 4.41 -9.73
C LYS A 148 15.85 4.39 -10.15
N GLU A 149 16.23 3.39 -10.94
CA GLU A 149 17.60 3.32 -11.42
C GLU A 149 17.84 4.38 -12.49
N TYR A 150 18.83 5.23 -12.25
CA TYR A 150 19.16 6.32 -13.17
C TYR A 150 20.04 5.78 -14.30
N GLU A 151 19.39 5.09 -15.23
CA GLU A 151 20.07 4.48 -16.35
C GLU A 151 19.72 5.21 -17.65
N PRO A 152 20.69 5.47 -18.51
CA PRO A 152 20.36 6.05 -19.83
C PRO A 152 19.90 4.97 -20.79
N GLU A 153 18.89 5.32 -21.58
CA GLU A 153 18.30 4.38 -22.54
C GLU A 153 18.96 4.57 -23.90
N MET A 154 19.48 3.49 -24.46
CA MET A 154 20.20 3.53 -25.72
C MET A 154 19.64 2.48 -26.67
N GLY A 155 19.98 2.63 -27.95
CA GLY A 155 19.56 1.69 -28.96
C GLY A 155 20.63 1.55 -30.03
N LYS A 156 20.57 0.45 -30.76
CA LYS A 156 21.50 0.16 -31.85
C LYS A 156 20.72 0.18 -33.15
N VAL A 157 20.99 1.19 -33.99
CA VAL A 157 20.24 1.42 -35.21
C VAL A 157 21.20 1.34 -36.40
N TYR A 158 20.69 0.83 -37.51
CA TYR A 158 21.40 0.78 -38.78
C TYR A 158 20.88 1.92 -39.65
N ARG A 159 21.68 2.96 -39.81
CA ARG A 159 21.34 4.09 -40.67
C ARG A 159 22.35 4.20 -41.80
N GLN A 160 22.00 5.00 -42.81
CA GLN A 160 22.81 5.11 -44.02
C GLN A 160 24.05 5.97 -43.83
N ASP A 161 24.27 6.53 -42.64
CA ASP A 161 25.48 7.33 -42.41
C ASP A 161 26.72 6.46 -42.52
N ARG A 162 26.83 5.44 -41.66
CA ARG A 162 27.95 4.51 -41.69
C ARG A 162 27.40 3.10 -41.82
N LYS A 163 28.24 2.22 -42.40
CA LYS A 163 27.82 0.83 -42.61
C LYS A 163 27.65 0.07 -41.30
N SER A 164 28.49 0.38 -40.31
CA SER A 164 28.41 -0.32 -39.03
C SER A 164 27.21 0.16 -38.21
N VAL A 165 26.94 -0.56 -37.12
CA VAL A 165 25.81 -0.23 -36.26
C VAL A 165 26.11 1.06 -35.50
N GLN A 166 25.06 1.81 -35.20
CA GLN A 166 25.17 3.10 -34.52
C GLN A 166 24.49 3.02 -33.17
N ARG A 167 25.22 3.30 -32.10
CA ARG A 167 24.63 3.36 -30.78
C ARG A 167 24.16 4.78 -30.50
N ILE A 168 22.85 4.97 -30.50
CA ILE A 168 22.26 6.29 -30.32
C ILE A 168 21.30 6.26 -29.14
N LYS A 169 20.66 7.38 -28.85
CA LYS A 169 19.65 7.42 -27.82
C LYS A 169 18.32 6.90 -28.36
N ALA A 170 17.59 6.19 -27.50
CA ALA A 170 16.33 5.58 -27.94
C ALA A 170 15.25 6.63 -28.16
N LYS A 171 15.44 7.84 -27.65
CA LYS A 171 14.48 8.90 -27.87
C LYS A 171 14.46 9.33 -29.33
N ASP A 172 15.59 9.21 -30.02
CA ASP A 172 15.69 9.63 -31.42
C ASP A 172 15.17 8.59 -32.39
N ILE A 173 14.76 7.41 -31.91
CA ILE A 173 14.31 6.36 -32.81
C ILE A 173 12.94 6.72 -33.36
N VAL A 174 12.76 6.49 -34.66
CA VAL A 174 11.51 6.84 -35.33
C VAL A 174 10.96 5.62 -36.06
N PRO A 175 9.63 5.50 -36.22
CA PRO A 175 9.06 4.35 -36.93
C PRO A 175 9.65 4.14 -38.32
N GLY A 176 10.34 3.03 -38.51
CA GLY A 176 11.03 2.72 -39.75
C GLY A 176 12.49 2.40 -39.58
N ASP A 177 13.08 2.76 -38.44
CA ASP A 177 14.49 2.49 -38.22
C ASP A 177 14.73 0.98 -38.06
N ILE A 178 15.81 0.51 -38.67
CA ILE A 178 16.26 -0.87 -38.48
C ILE A 178 17.04 -0.92 -37.17
N VAL A 179 16.53 -1.70 -36.22
CA VAL A 179 17.14 -1.83 -34.90
C VAL A 179 17.70 -3.23 -34.75
N GLU A 180 18.96 -3.31 -34.32
CA GLU A 180 19.63 -4.57 -34.04
C GLU A 180 19.82 -4.69 -32.54
N ILE A 181 19.32 -5.77 -31.96
CA ILE A 181 19.36 -5.98 -30.52
C ILE A 181 19.89 -7.37 -30.21
N ALA A 182 20.71 -7.45 -29.17
CA ALA A 182 21.38 -8.67 -28.74
C ALA A 182 20.92 -9.03 -27.32
N VAL A 183 21.58 -10.04 -26.75
CA VAL A 183 21.22 -10.51 -25.42
C VAL A 183 21.57 -9.45 -24.37
N GLY A 184 20.63 -9.18 -23.47
CA GLY A 184 20.90 -8.34 -22.33
C GLY A 184 20.58 -6.87 -22.48
N ASP A 185 19.80 -6.49 -23.49
CA ASP A 185 19.43 -5.09 -23.70
C ASP A 185 17.92 -4.95 -23.80
N LYS A 186 17.41 -3.80 -23.36
CA LYS A 186 15.98 -3.53 -23.41
C LYS A 186 15.56 -3.17 -24.83
N VAL A 187 14.36 -3.60 -25.19
CA VAL A 187 13.79 -3.28 -26.50
C VAL A 187 13.43 -1.80 -26.52
N PRO A 188 13.98 -1.02 -27.46
CA PRO A 188 13.73 0.43 -27.42
C PRO A 188 12.32 0.81 -27.80
N ALA A 189 11.73 0.16 -28.81
CA ALA A 189 10.39 0.50 -29.25
C ALA A 189 9.77 -0.73 -29.91
N ASP A 190 8.49 -0.63 -30.22
CA ASP A 190 7.79 -1.73 -30.88
C ASP A 190 8.45 -2.06 -32.21
N ILE A 191 8.93 -3.29 -32.34
CA ILE A 191 9.77 -3.70 -33.46
C ILE A 191 9.16 -4.93 -34.10
N ARG A 192 8.99 -4.90 -35.42
CA ARG A 192 8.58 -6.07 -36.18
C ARG A 192 9.83 -6.83 -36.59
N LEU A 193 9.99 -8.04 -36.08
CA LEU A 193 11.21 -8.80 -36.31
C LEU A 193 11.36 -9.15 -37.79
N THR A 194 12.53 -8.85 -38.34
CA THR A 194 12.84 -9.14 -39.73
C THR A 194 13.78 -10.32 -39.89
N SER A 195 14.82 -10.40 -39.05
CA SER A 195 15.75 -11.51 -39.16
C SER A 195 16.30 -11.85 -37.78
N ILE A 196 16.56 -13.13 -37.57
CA ILE A 196 17.16 -13.64 -36.33
C ILE A 196 18.56 -14.11 -36.66
N LYS A 197 19.56 -13.38 -36.15
CA LYS A 197 20.95 -13.73 -36.44
C LYS A 197 21.33 -15.06 -35.79
N SER A 198 20.92 -15.28 -34.55
CA SER A 198 21.19 -16.54 -33.88
C SER A 198 20.14 -17.58 -34.30
N THR A 199 20.27 -18.78 -33.73
CA THR A 199 19.34 -19.85 -34.04
C THR A 199 17.94 -19.54 -33.48
N THR A 200 17.87 -19.01 -32.26
CA THR A 200 16.61 -18.67 -31.64
C THR A 200 16.75 -17.34 -30.92
N LEU A 201 15.60 -16.73 -30.64
CA LEU A 201 15.53 -15.46 -29.92
C LEU A 201 14.56 -15.59 -28.76
N ARG A 202 15.06 -15.43 -27.55
CA ARG A 202 14.25 -15.54 -26.34
C ARG A 202 14.17 -14.19 -25.66
N VAL A 203 12.95 -13.74 -25.37
CA VAL A 203 12.67 -12.40 -24.87
C VAL A 203 11.89 -12.52 -23.56
N ASP A 204 12.21 -11.68 -22.59
CA ASP A 204 11.50 -11.62 -21.32
C ASP A 204 10.39 -10.57 -21.39
N GLN A 205 9.15 -11.02 -21.31
CA GLN A 205 7.99 -10.13 -21.39
C GLN A 205 7.21 -10.09 -20.08
N SER A 206 7.91 -10.24 -18.96
CA SER A 206 7.23 -10.25 -17.66
C SER A 206 6.69 -8.86 -17.32
N ILE A 207 7.30 -7.82 -17.88
CA ILE A 207 6.86 -6.46 -17.59
C ILE A 207 5.49 -6.19 -18.18
N LEU A 208 5.28 -6.57 -19.44
CA LEU A 208 4.07 -6.24 -20.16
C LEU A 208 3.01 -7.34 -20.11
N THR A 209 3.41 -8.60 -20.22
CA THR A 209 2.45 -9.70 -20.24
C THR A 209 2.38 -10.47 -18.92
N GLY A 210 3.40 -10.35 -18.07
CA GLY A 210 3.39 -11.10 -16.83
C GLY A 210 3.81 -12.54 -16.96
N GLU A 211 4.48 -12.90 -18.05
CA GLU A 211 4.92 -14.27 -18.28
C GLU A 211 6.25 -14.49 -17.58
N SER A 212 6.36 -15.62 -16.88
CA SER A 212 7.58 -15.88 -16.12
C SER A 212 8.67 -16.47 -17.01
N VAL A 213 8.30 -17.30 -17.98
CA VAL A 213 9.27 -17.94 -18.86
C VAL A 213 9.48 -17.08 -20.09
N SER A 214 10.72 -17.10 -20.60
CA SER A 214 11.05 -16.32 -21.79
C SER A 214 10.33 -16.91 -23.01
N VAL A 215 10.05 -16.05 -23.98
CA VAL A 215 9.26 -16.40 -25.15
C VAL A 215 10.20 -16.53 -26.34
N ILE A 216 10.00 -17.59 -27.14
CA ILE A 216 10.76 -17.75 -28.37
C ILE A 216 10.05 -17.00 -29.49
N LYS A 217 10.83 -16.22 -30.24
CA LYS A 217 10.29 -15.31 -31.25
C LYS A 217 10.64 -15.82 -32.63
N HIS A 218 9.75 -15.58 -33.60
CA HIS A 218 9.93 -15.98 -34.98
C HIS A 218 9.49 -14.87 -35.91
N THR A 219 10.13 -14.76 -37.07
CA THR A 219 9.81 -13.69 -38.00
C THR A 219 8.52 -13.95 -38.79
N ASP A 220 7.90 -15.11 -38.63
CA ASP A 220 6.71 -15.43 -39.40
C ASP A 220 5.54 -14.57 -38.92
N PRO A 221 4.67 -14.13 -39.83
CA PRO A 221 3.55 -13.26 -39.42
C PRO A 221 2.48 -14.04 -38.68
N VAL A 222 1.75 -13.32 -37.83
CA VAL A 222 0.65 -13.88 -37.05
C VAL A 222 -0.65 -13.56 -37.79
N PRO A 223 -1.49 -14.54 -38.09
CA PRO A 223 -2.69 -14.24 -38.89
C PRO A 223 -3.76 -13.44 -38.14
N ASP A 224 -3.91 -13.67 -36.84
CA ASP A 224 -4.98 -13.03 -36.09
C ASP A 224 -4.72 -11.54 -35.96
N PRO A 225 -5.62 -10.68 -36.46
CA PRO A 225 -5.38 -9.23 -36.33
C PRO A 225 -5.58 -8.71 -34.92
N ARG A 226 -6.57 -9.23 -34.20
CA ARG A 226 -6.84 -8.81 -32.83
C ARG A 226 -6.17 -9.71 -31.79
N ALA A 227 -5.04 -10.29 -32.13
CA ALA A 227 -4.33 -11.17 -31.21
C ALA A 227 -3.80 -10.36 -30.02
N VAL A 228 -3.68 -11.04 -28.88
CA VAL A 228 -3.15 -10.42 -27.67
C VAL A 228 -1.64 -10.34 -27.78
N ASN A 229 -1.01 -9.59 -26.87
CA ASN A 229 0.43 -9.38 -26.94
C ASN A 229 1.19 -10.70 -26.79
N GLN A 230 0.57 -11.70 -26.16
CA GLN A 230 1.24 -12.98 -25.99
C GLN A 230 1.23 -13.79 -27.28
N ASP A 231 0.19 -13.61 -28.10
CA ASP A 231 0.13 -14.34 -29.37
C ASP A 231 1.07 -13.73 -30.40
N LYS A 232 1.37 -12.44 -30.28
CA LYS A 232 2.29 -11.78 -31.19
C LYS A 232 3.70 -12.26 -30.89
N LYS A 233 4.18 -13.22 -31.67
CA LYS A 233 5.50 -13.80 -31.48
C LYS A 233 6.51 -13.31 -32.51
N ASN A 234 6.12 -12.36 -33.36
CA ASN A 234 7.03 -11.72 -34.30
C ASN A 234 7.34 -10.29 -33.91
N MET A 235 6.83 -9.82 -32.78
CA MET A 235 6.96 -8.43 -32.37
C MET A 235 7.71 -8.38 -31.04
N LEU A 236 8.52 -7.33 -30.88
CA LEU A 236 9.26 -7.09 -29.64
C LEU A 236 8.77 -5.78 -29.05
N PHE A 237 7.98 -5.85 -27.99
CA PHE A 237 7.38 -4.67 -27.41
C PHE A 237 8.40 -3.89 -26.59
N SER A 238 8.11 -2.60 -26.39
CA SER A 238 9.03 -1.72 -25.69
C SER A 238 9.04 -2.03 -24.19
N GLY A 239 10.20 -1.81 -23.58
CA GLY A 239 10.39 -2.07 -22.18
C GLY A 239 10.87 -3.46 -21.84
N THR A 240 10.68 -4.43 -22.73
CA THR A 240 11.15 -5.78 -22.51
C THR A 240 12.62 -5.89 -22.92
N ASN A 241 13.29 -6.91 -22.39
CA ASN A 241 14.70 -7.13 -22.66
C ASN A 241 14.89 -8.50 -23.30
N ILE A 242 15.97 -8.66 -24.05
CA ILE A 242 16.26 -9.91 -24.75
C ILE A 242 16.94 -10.87 -23.78
N ALA A 243 16.39 -12.07 -23.64
CA ALA A 243 17.01 -13.07 -22.77
C ALA A 243 18.18 -13.75 -23.46
N ALA A 244 18.03 -14.07 -24.74
CA ALA A 244 19.08 -14.77 -25.46
C ALA A 244 18.90 -14.56 -26.96
N GLY A 245 20.02 -14.57 -27.67
CA GLY A 245 20.01 -14.42 -29.12
C GLY A 245 20.37 -13.02 -29.57
N LYS A 246 20.19 -12.81 -30.88
CA LYS A 246 20.44 -11.54 -31.52
C LYS A 246 19.56 -11.44 -32.76
N ALA A 247 19.01 -10.27 -33.02
CA ALA A 247 18.08 -10.13 -34.13
C ALA A 247 18.05 -8.68 -34.61
N MET A 248 17.40 -8.50 -35.76
CA MET A 248 17.21 -7.18 -36.37
C MET A 248 15.77 -7.06 -36.82
N GLY A 249 15.17 -5.89 -36.56
CA GLY A 249 13.78 -5.66 -36.89
C GLY A 249 13.53 -4.22 -37.24
N VAL A 250 12.26 -3.91 -37.52
CA VAL A 250 11.83 -2.59 -37.96
C VAL A 250 10.89 -2.01 -36.93
N VAL A 251 11.16 -0.77 -36.51
CA VAL A 251 10.27 -0.09 -35.58
C VAL A 251 8.92 0.14 -36.23
N VAL A 252 7.85 -0.07 -35.47
CA VAL A 252 6.50 0.17 -35.94
C VAL A 252 5.71 1.13 -35.05
N ALA A 253 6.22 1.48 -33.88
CA ALA A 253 5.55 2.41 -32.99
C ALA A 253 6.56 3.00 -32.03
N THR A 254 6.34 4.26 -31.66
CA THR A 254 7.21 4.96 -30.74
C THR A 254 6.38 5.86 -29.84
N GLY A 255 6.95 6.20 -28.69
CA GLY A 255 6.28 7.12 -27.79
C GLY A 255 5.02 6.54 -27.21
N VAL A 256 3.90 7.24 -27.39
CA VAL A 256 2.64 6.79 -26.84
C VAL A 256 1.97 5.74 -27.72
N ASN A 257 2.53 5.50 -28.90
CA ASN A 257 1.96 4.48 -29.78
C ASN A 257 2.42 3.09 -29.42
N THR A 258 3.43 2.96 -28.55
CA THR A 258 3.87 1.66 -28.10
C THR A 258 2.80 0.99 -27.23
N GLU A 259 3.05 -0.26 -26.87
CA GLU A 259 2.10 -0.97 -26.02
C GLU A 259 2.11 -0.41 -24.60
N ILE A 260 3.31 -0.18 -24.04
CA ILE A 260 3.39 0.42 -22.71
C ILE A 260 2.84 1.84 -22.73
N GLY A 261 2.95 2.53 -23.86
CA GLY A 261 2.37 3.85 -23.97
C GLY A 261 0.85 3.82 -23.98
N LYS A 262 0.28 2.85 -24.71
CA LYS A 262 -1.17 2.67 -24.67
C LYS A 262 -1.64 2.31 -23.26
N ILE A 263 -0.87 1.50 -22.54
CA ILE A 263 -1.25 1.15 -21.18
C ILE A 263 -1.17 2.36 -20.26
N ARG A 264 -0.16 3.21 -20.46
CA ARG A 264 -0.07 4.44 -19.65
C ARG A 264 -1.23 5.37 -19.96
N ASP A 265 -1.64 5.48 -21.22
CA ASP A 265 -2.79 6.30 -21.56
C ASP A 265 -4.06 5.74 -20.94
N GLU A 266 -4.22 4.41 -20.97
CA GLU A 266 -5.39 3.80 -20.34
C GLU A 266 -5.39 4.03 -18.83
N MET A 267 -4.21 4.02 -18.21
CA MET A 267 -4.11 4.29 -16.79
C MET A 267 -4.52 5.73 -16.48
N VAL A 268 -3.98 6.68 -17.26
CA VAL A 268 -4.29 8.09 -17.05
C VAL A 268 -5.78 8.36 -17.27
N ALA A 269 -6.40 7.63 -18.21
CA ALA A 269 -7.81 7.85 -18.50
C ALA A 269 -8.73 7.36 -17.38
N THR A 270 -8.25 6.49 -16.50
CA THR A 270 -9.11 5.96 -15.44
C THR A 270 -9.45 7.03 -14.41
N GLU A 271 -10.59 6.86 -13.76
CA GLU A 271 -11.06 7.81 -12.77
C GLU A 271 -10.50 7.49 -11.40
N GLN A 272 -10.39 8.53 -10.57
CA GLN A 272 -9.83 8.43 -9.22
C GLN A 272 -10.85 8.99 -8.23
N GLU A 273 -11.42 8.11 -7.42
CA GLU A 273 -12.42 8.50 -6.43
C GLU A 273 -11.75 8.93 -5.14
N ARG A 274 -12.55 9.12 -4.11
CA ARG A 274 -12.05 9.50 -2.79
C ARG A 274 -11.91 8.28 -1.90
N THR A 275 -10.91 8.32 -1.02
CA THR A 275 -10.65 7.20 -0.13
C THR A 275 -11.84 6.98 0.80
N PRO A 276 -11.99 5.76 1.33
CA PRO A 276 -13.12 5.52 2.25
C PRO A 276 -13.12 6.41 3.47
N LEU A 277 -11.93 6.75 4.01
CA LEU A 277 -11.87 7.66 5.14
C LEU A 277 -12.37 9.05 4.77
N GLN A 278 -12.00 9.52 3.58
CA GLN A 278 -12.48 10.83 3.13
C GLN A 278 -14.00 10.82 2.97
N GLN A 279 -14.57 9.71 2.51
CA GLN A 279 -16.02 9.63 2.38
C GLN A 279 -16.69 9.61 3.74
N LYS A 280 -16.13 8.88 4.71
CA LYS A 280 -16.69 8.89 6.06
C LYS A 280 -16.61 10.28 6.67
N LEU A 281 -15.50 10.98 6.47
CA LEU A 281 -15.35 12.32 7.01
C LEU A 281 -16.30 13.30 6.33
N ASP A 282 -16.56 13.12 5.02
CA ASP A 282 -17.52 13.97 4.35
C ASP A 282 -18.94 13.72 4.86
N GLU A 283 -19.28 12.46 5.11
CA GLU A 283 -20.59 12.16 5.67
C GLU A 283 -20.75 12.75 7.07
N PHE A 284 -19.69 12.65 7.88
CA PHE A 284 -19.75 13.24 9.21
C PHE A 284 -19.82 14.76 9.15
N GLY A 285 -19.15 15.37 8.18
CA GLY A 285 -19.26 16.81 8.01
C GLY A 285 -20.64 17.25 7.57
N GLU A 286 -21.28 16.46 6.71
CA GLU A 286 -22.67 16.74 6.35
C GLU A 286 -23.58 16.65 7.56
N GLN A 287 -23.40 15.61 8.39
CA GLN A 287 -24.18 15.51 9.62
C GLN A 287 -23.94 16.70 10.53
N LEU A 288 -22.69 17.12 10.67
CA LEU A 288 -22.35 18.26 11.51
C LEU A 288 -23.00 19.53 11.00
N SER A 289 -22.92 19.78 9.69
CA SER A 289 -23.55 20.97 9.13
C SER A 289 -25.05 20.95 9.31
N LYS A 290 -25.66 19.76 9.22
CA LYS A 290 -27.09 19.65 9.51
C LYS A 290 -27.38 19.96 10.97
N VAL A 291 -26.46 19.61 11.87
CA VAL A 291 -26.66 19.87 13.29
C VAL A 291 -26.47 21.35 13.60
N ILE A 292 -25.41 21.95 13.04
CA ILE A 292 -25.12 23.36 13.32
C ILE A 292 -26.25 24.25 12.83
N SER A 293 -26.75 23.98 11.62
CA SER A 293 -27.83 24.79 11.07
C SER A 293 -29.13 24.57 11.85
N LEU A 294 -29.24 23.45 12.55
CA LEU A 294 -30.47 23.17 13.29
C LEU A 294 -30.60 24.07 14.51
N ILE A 295 -29.54 24.15 15.32
CA ILE A 295 -29.60 24.95 16.54
C ILE A 295 -29.73 26.43 16.21
N CYS A 296 -29.16 26.85 15.07
CA CYS A 296 -29.26 28.25 14.66
C CYS A 296 -30.70 28.65 14.40
N ILE A 297 -31.38 27.90 13.52
CA ILE A 297 -32.78 28.24 13.21
C ILE A 297 -33.67 27.99 14.43
N ALA A 298 -33.29 27.04 15.29
CA ALA A 298 -34.07 26.81 16.50
C ALA A 298 -34.02 28.02 17.43
N VAL A 299 -32.81 28.53 17.68
CA VAL A 299 -32.67 29.72 18.52
C VAL A 299 -33.38 30.92 17.86
N TRP A 300 -33.24 31.06 16.55
CA TRP A 300 -33.90 32.15 15.85
C TRP A 300 -35.42 32.08 16.00
N ILE A 301 -35.99 30.87 15.91
CA ILE A 301 -37.43 30.73 16.03
C ILE A 301 -37.89 30.99 17.46
N ILE A 302 -37.17 30.46 18.44
CA ILE A 302 -37.61 30.63 19.83
C ILE A 302 -37.40 32.06 20.29
N ASN A 303 -36.54 32.82 19.59
CA ASN A 303 -36.32 34.21 19.97
C ASN A 303 -36.98 35.21 19.03
N ILE A 304 -37.64 34.76 17.96
CA ILE A 304 -38.40 35.66 17.11
C ILE A 304 -39.66 36.08 17.85
N GLY A 305 -40.18 37.26 17.50
CA GLY A 305 -41.26 37.85 18.25
C GLY A 305 -40.85 38.41 19.59
N HIS A 306 -39.59 38.23 20.00
CA HIS A 306 -39.08 38.76 21.25
C HIS A 306 -38.39 40.10 21.07
N PHE A 307 -38.39 40.66 19.87
CA PHE A 307 -37.84 42.00 19.64
C PHE A 307 -38.93 43.00 19.28
N ASN A 308 -40.20 42.66 19.50
CA ASN A 308 -41.26 43.66 19.32
C ASN A 308 -41.12 44.79 20.33
N ASP A 309 -40.31 44.61 21.36
CA ASP A 309 -40.02 45.68 22.29
C ASP A 309 -39.30 46.82 21.58
N PRO A 310 -39.50 48.07 22.00
CA PRO A 310 -38.88 49.20 21.29
C PRO A 310 -37.38 49.32 21.52
N VAL A 311 -36.87 48.65 22.55
CA VAL A 311 -35.47 48.77 22.95
C VAL A 311 -34.54 48.41 21.80
N HIS A 312 -33.60 49.31 21.50
CA HIS A 312 -32.58 49.14 20.46
C HIS A 312 -33.19 48.64 19.14
N GLY A 313 -34.32 49.25 18.77
CA GLY A 313 -34.99 48.86 17.54
C GLY A 313 -36.40 49.40 17.40
N GLY A 314 -37.33 48.53 17.08
CA GLY A 314 -38.70 48.92 16.87
C GLY A 314 -39.37 48.37 15.63
N SER A 315 -38.73 47.43 14.95
CA SER A 315 -39.28 46.79 13.76
C SER A 315 -39.09 45.29 13.85
N TRP A 316 -39.76 44.57 12.95
CA TRP A 316 -39.67 43.11 12.93
C TRP A 316 -38.52 42.62 12.06
N ILE A 317 -38.32 43.21 10.88
CA ILE A 317 -37.19 42.84 10.05
C ILE A 317 -35.88 43.27 10.71
N ARG A 318 -35.94 44.33 11.53
CA ARG A 318 -34.79 44.74 12.33
C ARG A 318 -34.63 43.91 13.59
N GLY A 319 -35.72 43.30 14.08
CA GLY A 319 -35.60 42.42 15.24
C GLY A 319 -34.89 41.11 14.93
N ALA A 320 -34.95 40.66 13.69
CA ALA A 320 -34.29 39.43 13.29
C ALA A 320 -32.81 39.63 12.94
N ILE A 321 -32.21 40.72 13.38
CA ILE A 321 -30.79 40.95 13.12
C ILE A 321 -29.93 40.70 14.35
N TYR A 322 -30.34 41.24 15.50
CA TYR A 322 -29.60 40.99 16.74
C TYR A 322 -29.69 39.53 17.16
N TYR A 323 -30.89 38.96 17.10
CA TYR A 323 -31.06 37.55 17.42
C TYR A 323 -30.34 36.66 16.42
N PHE A 324 -30.34 37.04 15.14
CA PHE A 324 -29.56 36.29 14.17
C PHE A 324 -28.07 36.35 14.47
N LYS A 325 -27.59 37.55 14.84
CA LYS A 325 -26.17 37.71 15.17
C LYS A 325 -25.77 36.86 16.36
N ILE A 326 -26.64 36.71 17.35
CA ILE A 326 -26.28 35.90 18.51
C ILE A 326 -26.44 34.40 18.20
N ALA A 327 -27.47 34.03 17.43
CA ALA A 327 -27.70 32.63 17.13
C ALA A 327 -26.60 32.06 16.23
N VAL A 328 -26.15 32.85 15.25
CA VAL A 328 -25.11 32.38 14.36
C VAL A 328 -23.78 32.25 15.11
N ALA A 329 -23.51 33.17 16.03
CA ALA A 329 -22.31 33.06 16.85
C ALA A 329 -22.36 31.81 17.72
N LEU A 330 -23.52 31.51 18.29
CA LEU A 330 -23.68 30.27 19.05
C LEU A 330 -23.41 29.05 18.17
N ALA A 331 -24.05 29.00 17.00
CA ALA A 331 -23.88 27.86 16.11
C ALA A 331 -22.43 27.70 15.68
N VAL A 332 -21.72 28.81 15.48
CA VAL A 332 -20.31 28.72 15.12
C VAL A 332 -19.50 28.21 16.32
N ALA A 333 -19.86 28.63 17.53
CA ALA A 333 -19.20 28.12 18.72
C ALA A 333 -19.43 26.62 18.88
N ALA A 334 -20.50 26.10 18.27
CA ALA A 334 -20.76 24.67 18.35
C ALA A 334 -19.74 23.87 17.54
N ILE A 335 -19.10 24.49 16.56
CA ILE A 335 -18.23 23.74 15.64
C ILE A 335 -16.88 23.47 16.30
N PRO A 336 -16.36 22.25 16.24
CA PRO A 336 -15.00 22.01 16.74
C PRO A 336 -13.95 22.58 15.79
N GLU A 337 -12.84 23.05 16.36
CA GLU A 337 -11.82 23.73 15.60
C GLU A 337 -10.57 22.89 15.37
N GLY A 338 -10.11 22.17 16.39
CA GLY A 338 -8.92 21.35 16.26
C GLY A 338 -9.15 19.97 15.68
N LEU A 339 -10.36 19.69 15.19
CA LEU A 339 -10.65 18.35 14.67
C LEU A 339 -9.84 18.02 13.43
N PRO A 340 -9.80 18.85 12.38
CA PRO A 340 -8.95 18.50 11.23
C PRO A 340 -7.48 18.47 11.58
N ALA A 341 -7.04 19.30 12.52
CA ALA A 341 -5.64 19.28 12.92
C ALA A 341 -5.28 17.96 13.59
N VAL A 342 -6.13 17.47 14.50
CA VAL A 342 -5.82 16.22 15.17
C VAL A 342 -5.99 15.05 14.22
N ILE A 343 -6.91 15.14 13.27
CA ILE A 343 -7.05 14.08 12.27
C ILE A 343 -5.79 13.99 11.41
N THR A 344 -5.29 15.14 10.95
CA THR A 344 -4.08 15.15 10.16
C THR A 344 -2.88 14.68 10.96
N THR A 345 -2.81 15.03 12.25
CA THR A 345 -1.72 14.54 13.09
C THR A 345 -1.75 13.03 13.22
N CYS A 346 -2.94 12.46 13.45
CA CYS A 346 -3.06 11.00 13.57
C CYS A 346 -2.67 10.32 12.26
N LEU A 347 -3.16 10.83 11.13
CA LEU A 347 -2.83 10.24 9.84
C LEU A 347 -1.34 10.34 9.53
N ALA A 348 -0.72 11.47 9.89
CA ALA A 348 0.70 11.65 9.61
C ALA A 348 1.54 10.74 10.50
N LEU A 349 1.14 10.55 11.75
CA LEU A 349 1.86 9.59 12.59
C LEU A 349 1.70 8.17 12.07
N GLY A 350 0.51 7.84 11.55
CA GLY A 350 0.34 6.54 10.92
C GLY A 350 1.23 6.35 9.70
N THR A 351 1.32 7.39 8.87
CA THR A 351 2.18 7.33 7.69
C THR A 351 3.65 7.18 8.09
N ARG A 352 4.06 7.85 9.16
CA ARG A 352 5.44 7.69 9.63
C ARG A 352 5.70 6.28 10.12
N ARG A 353 4.75 5.71 10.88
CA ARG A 353 4.92 4.35 11.36
C ARG A 353 4.92 3.34 10.22
N MET A 354 4.18 3.63 9.14
CA MET A 354 4.21 2.74 7.98
C MET A 354 5.51 2.88 7.21
N ALA A 355 6.00 4.11 7.04
CA ALA A 355 7.25 4.33 6.33
C ALA A 355 8.44 3.75 7.07
N LYS A 356 8.33 3.63 8.40
CA LYS A 356 9.35 2.91 9.14
C LYS A 356 9.38 1.42 8.80
N LYS A 357 8.30 0.89 8.22
CA LYS A 357 8.25 -0.48 7.75
C LYS A 357 8.52 -0.59 6.25
N ASN A 358 9.20 0.41 5.67
CA ASN A 358 9.48 0.46 4.24
C ASN A 358 8.19 0.40 3.42
N ALA A 359 7.36 1.43 3.61
CA ALA A 359 6.11 1.56 2.88
C ALA A 359 5.85 3.03 2.64
N ILE A 360 5.92 3.46 1.38
CA ILE A 360 5.73 4.85 1.01
C ILE A 360 4.24 5.04 0.72
N VAL A 361 3.60 5.95 1.45
CA VAL A 361 2.19 6.27 1.26
C VAL A 361 2.09 7.68 0.71
N ARG A 362 1.43 7.83 -0.43
CA ARG A 362 1.31 9.15 -1.05
C ARG A 362 0.41 10.07 -0.25
N SER A 363 -0.83 9.64 0.01
CA SER A 363 -1.82 10.47 0.68
C SER A 363 -1.92 10.10 2.15
N LEU A 364 -2.37 11.04 2.96
CA LEU A 364 -2.64 10.75 4.37
C LEU A 364 -3.84 9.84 4.55
N PRO A 365 -5.00 10.09 3.94
CA PRO A 365 -6.16 9.21 4.21
C PRO A 365 -6.03 7.82 3.64
N SER A 366 -4.96 7.52 2.90
CA SER A 366 -4.79 6.19 2.34
C SER A 366 -4.23 5.20 3.34
N VAL A 367 -3.78 5.67 4.51
CA VAL A 367 -3.27 4.76 5.54
C VAL A 367 -4.40 3.93 6.11
N GLU A 368 -5.61 4.48 6.13
CA GLU A 368 -6.76 3.74 6.64
C GLU A 368 -7.35 2.78 5.61
N THR A 369 -7.03 2.97 4.33
CA THR A 369 -7.72 2.19 3.29
C THR A 369 -7.47 0.70 3.44
N LEU A 370 -6.26 0.31 3.84
CA LEU A 370 -5.98 -1.11 3.99
C LEU A 370 -6.63 -1.68 5.25
N GLY A 371 -7.13 -0.81 6.12
CA GLY A 371 -7.82 -1.29 7.31
C GLY A 371 -9.22 -1.78 7.01
N CYS A 372 -9.90 -1.15 6.06
CA CYS A 372 -11.24 -1.54 5.67
C CYS A 372 -11.28 -2.37 4.39
N THR A 373 -10.12 -2.86 3.95
CA THR A 373 -10.03 -3.62 2.71
C THR A 373 -10.66 -4.99 2.87
N SER A 374 -11.56 -5.34 1.95
CA SER A 374 -12.20 -6.64 1.94
C SER A 374 -11.53 -7.63 1.00
N VAL A 375 -11.07 -7.16 -0.17
CA VAL A 375 -10.45 -8.00 -1.18
C VAL A 375 -9.08 -7.42 -1.51
N ILE A 376 -8.09 -8.30 -1.63
CA ILE A 376 -6.74 -7.89 -2.03
C ILE A 376 -6.41 -8.64 -3.32
N CYS A 377 -6.57 -7.97 -4.45
CA CYS A 377 -6.14 -8.53 -5.73
C CYS A 377 -4.63 -8.37 -5.85
N SER A 378 -3.99 -9.34 -6.49
CA SER A 378 -2.53 -9.33 -6.57
C SER A 378 -2.05 -9.98 -7.85
N ASP A 379 -1.10 -9.31 -8.51
CA ASP A 379 -0.39 -9.88 -9.64
C ASP A 379 0.48 -11.04 -9.17
N LYS A 380 0.78 -11.96 -10.09
CA LYS A 380 1.57 -13.12 -9.73
C LYS A 380 3.06 -12.92 -9.95
N THR A 381 3.46 -12.64 -11.20
CA THR A 381 4.87 -12.57 -11.54
C THR A 381 5.46 -11.27 -11.00
N GLY A 382 6.45 -11.39 -10.12
CA GLY A 382 7.13 -10.25 -9.57
C GLY A 382 6.46 -9.67 -8.33
N THR A 383 5.14 -9.87 -8.18
CA THR A 383 4.41 -9.39 -7.01
C THR A 383 4.28 -10.47 -5.94
N LEU A 384 3.59 -11.56 -6.25
CA LEU A 384 3.45 -12.65 -5.28
C LEU A 384 4.69 -13.54 -5.30
N THR A 385 5.15 -13.90 -6.49
CA THR A 385 6.41 -14.59 -6.65
C THR A 385 7.53 -13.59 -6.89
N THR A 386 8.75 -14.07 -6.81
CA THR A 386 9.87 -13.30 -7.34
C THR A 386 9.81 -13.42 -8.85
N ASN A 387 10.66 -12.69 -9.56
CA ASN A 387 10.79 -12.87 -11.00
C ASN A 387 12.06 -13.64 -11.35
N GLN A 388 12.57 -14.42 -10.41
CA GLN A 388 13.90 -15.01 -10.46
C GLN A 388 13.76 -16.53 -10.33
N MET A 389 13.82 -17.23 -11.47
CA MET A 389 13.78 -18.68 -11.50
C MET A 389 14.90 -19.26 -10.66
N SER A 390 14.56 -20.22 -9.80
CA SER A 390 15.53 -20.83 -8.90
C SER A 390 15.30 -22.33 -8.85
N VAL A 391 16.40 -23.09 -8.87
CA VAL A 391 16.31 -24.54 -8.75
C VAL A 391 15.93 -24.90 -7.32
N CYS A 392 14.83 -25.64 -7.17
CA CYS A 392 14.33 -26.01 -5.86
C CYS A 392 14.40 -27.50 -5.58
N ARG A 393 14.51 -28.36 -6.61
CA ARG A 393 14.64 -29.78 -6.38
C ARG A 393 15.70 -30.36 -7.32
N MET A 394 16.23 -31.52 -6.95
CA MET A 394 17.09 -32.28 -7.85
C MET A 394 17.14 -33.72 -7.38
N PHE A 395 17.55 -34.61 -8.27
CA PHE A 395 17.70 -36.01 -7.92
C PHE A 395 18.73 -36.69 -8.81
N ILE A 396 19.43 -37.64 -8.20
CA ILE A 396 20.41 -38.49 -8.88
C ILE A 396 20.12 -39.94 -8.51
N LEU A 397 20.97 -40.85 -9.00
CA LEU A 397 20.81 -42.27 -8.75
C LEU A 397 21.64 -42.66 -7.54
N ASP A 398 20.97 -43.13 -6.48
CA ASP A 398 21.68 -43.57 -5.28
C ASP A 398 22.17 -45.00 -5.44
N ARG A 399 21.25 -45.93 -5.69
CA ARG A 399 21.59 -47.34 -5.85
C ARG A 399 20.73 -47.94 -6.95
N VAL A 400 21.07 -49.17 -7.34
CA VAL A 400 20.31 -49.93 -8.32
C VAL A 400 20.20 -51.36 -7.82
N GLU A 401 19.01 -51.96 -7.98
CA GLU A 401 18.76 -53.30 -7.49
C GLU A 401 18.37 -54.30 -8.57
N GLY A 402 18.12 -53.85 -9.80
CA GLY A 402 17.73 -54.75 -10.87
C GLY A 402 16.32 -54.48 -11.35
N ASP A 403 16.19 -54.03 -12.60
CA ASP A 403 14.91 -53.64 -13.19
C ASP A 403 14.21 -52.56 -12.38
N THR A 404 14.97 -51.81 -11.60
CA THR A 404 14.48 -50.73 -10.74
C THR A 404 15.70 -49.98 -10.24
N CYS A 405 15.45 -48.95 -9.44
CA CYS A 405 16.54 -48.13 -8.92
C CYS A 405 16.06 -47.43 -7.65
N SER A 406 16.98 -46.70 -7.03
CA SER A 406 16.68 -45.82 -5.91
C SER A 406 17.18 -44.42 -6.25
N LEU A 407 16.34 -43.43 -6.01
CA LEU A 407 16.66 -42.05 -6.37
C LEU A 407 17.01 -41.25 -5.13
N ASN A 408 18.22 -40.71 -5.10
CA ASN A 408 18.66 -39.81 -4.05
C ASN A 408 18.20 -38.41 -4.42
N GLU A 409 17.26 -37.87 -3.66
CA GLU A 409 16.62 -36.60 -3.95
C GLU A 409 17.05 -35.54 -2.94
N PHE A 410 17.25 -34.33 -3.41
CA PHE A 410 17.63 -33.19 -2.58
C PHE A 410 16.73 -32.01 -2.90
N THR A 411 16.49 -31.17 -1.89
CA THR A 411 15.76 -29.93 -2.03
C THR A 411 16.67 -28.78 -1.62
N ILE A 412 16.67 -27.71 -2.42
CA ILE A 412 17.56 -26.58 -2.20
C ILE A 412 16.71 -25.37 -1.82
N THR A 413 17.12 -24.65 -0.79
CA THR A 413 16.41 -23.47 -0.34
C THR A 413 16.91 -22.23 -1.07
N GLY A 414 16.08 -21.19 -1.07
CA GLY A 414 16.44 -19.95 -1.74
C GLY A 414 15.44 -19.66 -2.84
N SER A 415 14.93 -18.43 -2.83
CA SER A 415 13.91 -18.00 -3.78
C SER A 415 14.36 -16.83 -4.65
N THR A 416 15.66 -16.51 -4.64
CA THR A 416 16.17 -15.40 -5.44
C THR A 416 17.41 -15.83 -6.23
N TYR A 417 18.09 -14.87 -6.86
CA TYR A 417 19.32 -15.14 -7.58
C TYR A 417 20.55 -15.11 -6.68
N ALA A 418 20.40 -14.77 -5.41
CA ALA A 418 21.54 -14.71 -4.51
C ALA A 418 21.98 -16.12 -4.15
N PRO A 419 23.26 -16.45 -4.31
CA PRO A 419 23.77 -17.79 -3.96
C PRO A 419 23.99 -17.95 -2.45
N ILE A 420 22.89 -17.93 -1.71
CA ILE A 420 22.92 -18.02 -0.25
C ILE A 420 22.27 -19.29 0.28
N GLY A 421 21.31 -19.86 -0.46
CA GLY A 421 20.56 -20.99 0.04
C GLY A 421 21.42 -22.22 0.31
N GLU A 422 20.78 -23.21 0.91
CA GLU A 422 21.42 -24.46 1.30
C GLU A 422 20.66 -25.64 0.71
N VAL A 423 21.28 -26.81 0.75
CA VAL A 423 20.73 -28.04 0.20
C VAL A 423 20.47 -29.01 1.34
N HIS A 424 19.33 -29.68 1.31
CA HIS A 424 18.93 -30.65 2.31
C HIS A 424 18.50 -31.94 1.63
N LYS A 425 19.06 -33.06 2.09
CA LYS A 425 18.73 -34.35 1.48
C LYS A 425 17.25 -34.70 1.69
N ASP A 426 16.85 -34.94 2.94
CA ASP A 426 15.46 -35.18 3.24
C ASP A 426 14.97 -34.03 4.11
N ASP A 427 15.57 -33.79 5.27
CA ASP A 427 15.26 -32.63 6.10
C ASP A 427 16.48 -32.00 6.73
N LYS A 428 17.67 -32.57 6.53
CA LYS A 428 18.87 -32.12 7.21
C LYS A 428 19.88 -31.56 6.22
N PRO A 429 20.63 -30.53 6.62
CA PRO A 429 21.67 -30.00 5.71
C PRO A 429 22.77 -31.03 5.47
N VAL A 430 23.14 -31.18 4.21
CA VAL A 430 24.14 -32.16 3.80
C VAL A 430 25.22 -31.46 3.01
N ASN A 431 26.36 -32.13 2.89
CA ASN A 431 27.48 -31.65 2.07
C ASN A 431 27.52 -32.46 0.78
N CYS A 432 27.69 -31.76 -0.34
CA CYS A 432 27.68 -32.39 -1.65
C CYS A 432 29.05 -32.86 -2.09
N HIS A 433 30.04 -32.86 -1.19
CA HIS A 433 31.37 -33.35 -1.56
C HIS A 433 31.42 -34.87 -1.59
N GLN A 434 30.73 -35.52 -0.65
CA GLN A 434 30.77 -36.98 -0.58
C GLN A 434 30.08 -37.61 -1.79
N TYR A 435 29.11 -36.92 -2.37
CA TYR A 435 28.38 -37.45 -3.51
C TYR A 435 29.14 -37.14 -4.80
N ASP A 436 29.50 -38.18 -5.55
CA ASP A 436 30.16 -37.97 -6.83
C ASP A 436 29.14 -37.59 -7.91
N GLY A 437 27.95 -38.18 -7.84
CA GLY A 437 26.90 -37.80 -8.77
C GLY A 437 26.55 -36.33 -8.69
N LEU A 438 26.53 -35.77 -7.48
CA LEU A 438 26.28 -34.35 -7.32
C LEU A 438 27.41 -33.52 -7.91
N VAL A 439 28.64 -34.01 -7.80
CA VAL A 439 29.77 -33.31 -8.40
C VAL A 439 29.62 -33.27 -9.92
N GLU A 440 29.26 -34.41 -10.52
CA GLU A 440 29.05 -34.43 -11.97
C GLU A 440 27.87 -33.55 -12.36
N LEU A 441 26.81 -33.52 -11.56
CA LEU A 441 25.66 -32.68 -11.85
C LEU A 441 26.05 -31.21 -11.82
N ALA A 442 26.82 -30.80 -10.81
CA ALA A 442 27.25 -29.41 -10.73
C ALA A 442 28.18 -29.06 -11.88
N THR A 443 29.05 -29.99 -12.27
CA THR A 443 29.92 -29.74 -13.43
C THR A 443 29.09 -29.52 -14.69
N ILE A 444 28.09 -30.37 -14.91
CA ILE A 444 27.23 -30.22 -16.09
C ILE A 444 26.50 -28.89 -16.04
N CYS A 445 25.94 -28.53 -14.88
CA CYS A 445 25.19 -27.29 -14.77
C CYS A 445 26.09 -26.07 -14.98
N ALA A 446 27.33 -26.11 -14.51
CA ALA A 446 28.21 -24.96 -14.65
C ALA A 446 28.81 -24.85 -16.03
N LEU A 447 28.92 -25.96 -16.76
CA LEU A 447 29.57 -25.95 -18.07
C LEU A 447 28.59 -25.93 -19.23
N CYS A 448 27.42 -26.53 -19.09
CA CYS A 448 26.48 -26.58 -20.21
C CYS A 448 25.79 -25.24 -20.45
N ASN A 449 25.69 -24.38 -19.45
CA ASN A 449 24.99 -23.11 -19.62
C ASN A 449 25.94 -22.05 -20.18
N ASP A 450 25.34 -20.99 -20.71
CA ASP A 450 26.08 -19.85 -21.24
C ASP A 450 25.67 -18.54 -20.57
N SER A 451 25.02 -18.62 -19.41
CA SER A 451 24.58 -17.45 -18.67
C SER A 451 25.54 -17.19 -17.52
N ALA A 452 25.23 -16.17 -16.72
CA ALA A 452 26.08 -15.79 -15.61
C ALA A 452 25.28 -15.00 -14.60
N LEU A 453 25.90 -14.74 -13.46
CA LEU A 453 25.27 -14.05 -12.34
C LEU A 453 26.20 -12.95 -11.86
N ASP A 454 25.74 -11.71 -11.98
CA ASP A 454 26.55 -10.56 -11.58
C ASP A 454 25.94 -9.89 -10.36
N TYR A 455 26.64 -8.88 -9.85
CA TYR A 455 26.20 -8.14 -8.68
C TYR A 455 26.20 -6.65 -9.00
N ASN A 456 25.08 -5.99 -8.76
CA ASN A 456 24.94 -4.55 -8.94
C ASN A 456 25.12 -3.87 -7.59
N GLU A 457 26.25 -3.20 -7.41
CA GLU A 457 26.49 -2.48 -6.16
C GLU A 457 25.55 -1.30 -5.98
N ALA A 458 25.02 -0.75 -7.08
CA ALA A 458 24.09 0.36 -6.97
C ALA A 458 22.80 -0.06 -6.27
N LYS A 459 22.24 -1.21 -6.66
CA LYS A 459 21.02 -1.73 -6.04
C LYS A 459 21.30 -2.78 -4.97
N GLY A 460 22.52 -3.28 -4.87
CA GLY A 460 22.86 -4.24 -3.83
C GLY A 460 22.22 -5.60 -3.98
N VAL A 461 21.85 -5.99 -5.20
CA VAL A 461 21.21 -7.27 -5.44
C VAL A 461 21.97 -8.00 -6.54
N TYR A 462 21.86 -9.33 -6.54
CA TYR A 462 22.40 -10.14 -7.62
C TYR A 462 21.43 -10.16 -8.78
N GLU A 463 21.99 -10.14 -10.00
CA GLU A 463 21.20 -10.13 -11.21
C GLU A 463 21.70 -11.18 -12.17
N LYS A 464 20.84 -11.53 -13.13
CA LYS A 464 21.17 -12.50 -14.15
C LYS A 464 21.79 -11.81 -15.36
N VAL A 465 22.49 -12.59 -16.17
CA VAL A 465 23.07 -12.08 -17.41
C VAL A 465 22.30 -12.59 -18.63
N GLY A 466 22.06 -13.90 -18.71
CA GLY A 466 21.36 -14.46 -19.85
C GLY A 466 19.95 -14.89 -19.50
N GLU A 467 19.61 -16.14 -19.83
CA GLU A 467 18.28 -16.65 -19.54
C GLU A 467 18.15 -16.99 -18.06
N ALA A 468 16.91 -16.94 -17.56
CA ALA A 468 16.66 -17.27 -16.16
C ALA A 468 16.87 -18.77 -15.91
N THR A 469 16.49 -19.60 -16.86
CA THR A 469 16.61 -21.05 -16.69
C THR A 469 18.05 -21.55 -16.75
N GLU A 470 19.01 -20.66 -16.98
CA GLU A 470 20.43 -20.99 -16.86
C GLU A 470 21.11 -20.26 -15.71
N THR A 471 20.66 -19.05 -15.39
CA THR A 471 21.09 -18.43 -14.15
C THR A 471 20.65 -19.24 -12.94
N ALA A 472 19.52 -19.94 -13.05
CA ALA A 472 19.11 -20.87 -12.00
C ALA A 472 20.17 -21.93 -11.76
N LEU A 473 20.70 -22.51 -12.84
CA LEU A 473 21.75 -23.52 -12.71
C LEU A 473 23.03 -22.91 -12.18
N THR A 474 23.34 -21.67 -12.59
CA THR A 474 24.53 -21.00 -12.07
C THR A 474 24.44 -20.81 -10.55
N CYS A 475 23.29 -20.29 -10.08
CA CYS A 475 23.10 -20.13 -8.64
C CYS A 475 23.07 -21.46 -7.91
N LEU A 476 22.53 -22.51 -8.55
CA LEU A 476 22.56 -23.83 -7.95
C LEU A 476 23.99 -24.30 -7.73
N VAL A 477 24.83 -24.19 -8.77
CA VAL A 477 26.22 -24.58 -8.65
C VAL A 477 26.92 -23.77 -7.57
N GLU A 478 26.60 -22.48 -7.48
CA GLU A 478 27.19 -21.65 -6.44
C GLU A 478 26.70 -22.06 -5.05
N LYS A 479 25.49 -22.59 -4.95
CA LYS A 479 24.96 -23.03 -3.67
C LYS A 479 25.63 -24.33 -3.23
N MET A 480 25.52 -25.38 -4.03
CA MET A 480 26.13 -26.67 -3.69
C MET A 480 27.62 -26.59 -4.00
N ASN A 481 28.43 -26.45 -2.95
CA ASN A 481 29.88 -26.39 -3.10
C ASN A 481 30.42 -27.81 -3.21
N VAL A 482 30.65 -28.25 -4.44
CA VAL A 482 31.10 -29.62 -4.66
C VAL A 482 32.60 -29.75 -4.39
N PHE A 483 33.31 -28.64 -4.41
CA PHE A 483 34.76 -28.65 -4.18
C PHE A 483 35.16 -28.04 -2.85
N ASP A 484 34.20 -27.62 -2.03
CA ASP A 484 34.44 -27.13 -0.67
C ASP A 484 35.39 -25.93 -0.68
N THR A 485 35.25 -25.07 -1.67
CA THR A 485 36.03 -23.85 -1.71
C THR A 485 35.55 -22.88 -0.63
N GLU A 486 36.45 -22.01 -0.18
CA GLU A 486 36.16 -21.05 0.87
C GLU A 486 35.67 -19.76 0.24
N LEU A 487 34.38 -19.46 0.42
CA LEU A 487 33.78 -18.23 -0.10
C LEU A 487 33.60 -17.16 0.97
N LYS A 488 34.09 -17.39 2.19
CA LYS A 488 33.92 -16.40 3.24
C LYS A 488 34.81 -15.17 3.01
N GLY A 489 36.03 -15.39 2.51
CA GLY A 489 36.94 -14.28 2.30
C GLY A 489 36.60 -13.47 1.07
N LEU A 490 35.91 -14.08 0.10
CA LEU A 490 35.58 -13.39 -1.14
C LEU A 490 34.49 -12.35 -0.91
N SER A 491 34.54 -11.29 -1.70
CA SER A 491 33.51 -10.25 -1.64
C SER A 491 32.28 -10.69 -2.42
N LYS A 492 31.27 -9.82 -2.45
CA LYS A 492 30.01 -10.16 -3.09
C LYS A 492 30.17 -10.33 -4.59
N ILE A 493 31.00 -9.49 -5.21
CA ILE A 493 31.17 -9.57 -6.67
C ILE A 493 31.94 -10.83 -7.06
N GLU A 494 32.86 -11.27 -6.21
CA GLU A 494 33.59 -12.51 -6.50
C GLU A 494 32.79 -13.73 -6.09
N ARG A 495 31.92 -13.59 -5.09
CA ARG A 495 31.12 -14.71 -4.63
C ARG A 495 29.98 -15.07 -5.57
N ALA A 496 29.74 -14.27 -6.61
CA ALA A 496 28.65 -14.57 -7.55
C ALA A 496 29.05 -15.65 -8.55
N ASN A 497 30.32 -15.71 -8.94
CA ASN A 497 30.80 -16.67 -9.91
C ASN A 497 32.09 -17.36 -9.48
N ALA A 498 32.22 -17.73 -8.21
CA ALA A 498 33.44 -18.38 -7.75
C ALA A 498 33.45 -19.86 -8.10
N CYS A 499 32.41 -20.59 -7.70
CA CYS A 499 32.36 -22.03 -7.93
C CYS A 499 32.31 -22.36 -9.42
N ASN A 500 31.54 -21.58 -10.18
CA ASN A 500 31.51 -21.78 -11.63
C ASN A 500 32.87 -21.53 -12.24
N SER A 501 33.59 -20.51 -11.76
CA SER A 501 34.93 -20.25 -12.27
C SER A 501 35.86 -21.41 -11.95
N VAL A 502 35.75 -21.98 -10.75
CA VAL A 502 36.59 -23.13 -10.39
C VAL A 502 36.28 -24.32 -11.30
N ILE A 503 35.00 -24.60 -11.53
CA ILE A 503 34.63 -25.74 -12.36
C ILE A 503 35.08 -25.52 -13.81
N LYS A 504 35.05 -24.27 -14.27
CA LYS A 504 35.51 -23.96 -15.62
C LYS A 504 37.03 -24.08 -15.72
N GLN A 505 37.75 -23.73 -14.65
CA GLN A 505 39.19 -23.92 -14.65
C GLN A 505 39.55 -25.40 -14.64
N LEU A 506 38.74 -26.22 -13.98
CA LEU A 506 39.07 -27.64 -13.88
C LEU A 506 38.83 -28.35 -15.21
N MET A 507 37.77 -27.97 -15.92
CA MET A 507 37.44 -28.52 -17.24
C MET A 507 37.28 -27.39 -18.24
N LYS A 508 38.14 -27.37 -19.26
CA LYS A 508 38.05 -26.34 -20.28
C LYS A 508 36.85 -26.57 -21.19
N LYS A 509 36.18 -25.49 -21.56
CA LYS A 509 34.94 -25.56 -22.33
C LYS A 509 35.24 -25.45 -23.82
N GLU A 510 34.94 -26.50 -24.56
CA GLU A 510 35.10 -26.53 -26.02
C GLU A 510 33.79 -26.09 -26.68
N PHE A 511 33.67 -26.33 -27.99
CA PHE A 511 32.52 -25.88 -28.75
C PHE A 511 31.21 -26.43 -28.18
N THR A 512 30.14 -25.66 -28.37
CA THR A 512 28.82 -26.00 -27.86
C THR A 512 27.89 -26.32 -29.02
N LEU A 513 27.29 -27.50 -29.00
CA LEU A 513 26.27 -27.84 -29.97
C LEU A 513 25.00 -27.07 -29.66
N GLU A 514 24.53 -26.27 -30.62
CA GLU A 514 23.44 -25.35 -30.38
C GLU A 514 22.13 -26.11 -30.09
N PHE A 515 21.27 -25.48 -29.29
CA PHE A 515 19.99 -26.06 -28.97
C PHE A 515 19.11 -26.14 -30.21
N SER A 516 18.49 -27.30 -30.42
CA SER A 516 17.61 -27.54 -31.55
C SER A 516 16.23 -27.89 -31.06
N ARG A 517 15.21 -27.39 -31.75
CA ARG A 517 13.83 -27.63 -31.32
C ARG A 517 13.42 -29.07 -31.53
N ASP A 518 14.01 -29.75 -32.51
CA ASP A 518 13.70 -31.15 -32.74
C ASP A 518 14.32 -32.04 -31.66
N ARG A 519 15.60 -31.81 -31.34
CA ARG A 519 16.27 -32.61 -30.32
C ARG A 519 15.84 -32.22 -28.92
N LYS A 520 15.47 -30.94 -28.74
CA LYS A 520 15.00 -30.42 -27.44
C LYS A 520 16.05 -30.58 -26.35
N SER A 521 17.31 -30.32 -26.70
CA SER A 521 18.39 -30.32 -25.72
C SER A 521 19.58 -29.58 -26.33
N MET A 522 20.62 -29.42 -25.52
CA MET A 522 21.85 -28.78 -25.99
C MET A 522 23.03 -29.40 -25.26
N SER A 523 24.15 -29.53 -25.97
CA SER A 523 25.32 -30.21 -25.43
C SER A 523 26.56 -29.32 -25.60
N VAL A 524 27.61 -29.70 -24.86
CA VAL A 524 28.85 -28.94 -24.81
C VAL A 524 30.00 -29.95 -24.83
N TYR A 525 30.93 -29.78 -25.76
CA TYR A 525 32.13 -30.61 -25.78
C TYR A 525 33.11 -30.12 -24.72
N CYS A 526 33.83 -31.06 -24.11
CA CYS A 526 34.70 -30.73 -23.00
C CYS A 526 35.95 -31.61 -23.01
N THR A 527 37.11 -30.98 -22.83
CA THR A 527 38.37 -31.67 -22.66
C THR A 527 39.03 -31.20 -21.37
N PRO A 528 39.32 -32.10 -20.44
CA PRO A 528 39.93 -31.66 -19.17
C PRO A 528 41.32 -31.09 -19.37
N ASN A 529 41.77 -30.36 -18.35
CA ASN A 529 43.10 -29.74 -18.39
C ASN A 529 44.07 -30.50 -17.49
N MET A 536 39.24 -38.07 -20.15
CA MET A 536 39.22 -37.81 -21.59
C MET A 536 38.04 -36.92 -21.97
N SER A 537 37.79 -36.79 -23.26
CA SER A 537 36.74 -35.89 -23.73
C SER A 537 35.36 -36.36 -23.29
N LYS A 538 34.58 -35.43 -22.75
CA LYS A 538 33.22 -35.70 -22.30
C LYS A 538 32.27 -34.70 -22.94
N MET A 539 31.08 -35.16 -23.32
CA MET A 539 30.07 -34.30 -23.91
C MET A 539 28.90 -34.15 -22.94
N PHE A 540 28.72 -32.95 -22.39
CA PHE A 540 27.69 -32.70 -21.39
C PHE A 540 26.41 -32.26 -22.07
N VAL A 541 25.33 -33.01 -21.86
CA VAL A 541 24.04 -32.75 -22.51
C VAL A 541 23.04 -32.34 -21.44
N LYS A 542 22.19 -31.38 -21.78
CA LYS A 542 21.15 -30.87 -20.88
C LYS A 542 19.91 -30.58 -21.70
N GLY A 543 18.77 -31.09 -21.26
CA GLY A 543 17.57 -30.88 -22.04
C GLY A 543 16.32 -31.34 -21.33
N ALA A 544 15.29 -31.61 -22.14
CA ALA A 544 14.03 -32.07 -21.61
C ALA A 544 14.20 -33.45 -20.99
N PRO A 545 13.39 -33.82 -19.99
CA PRO A 545 13.54 -35.13 -19.35
C PRO A 545 13.39 -36.30 -20.31
N GLU A 546 12.24 -36.39 -20.99
CA GLU A 546 11.98 -37.53 -21.85
C GLU A 546 12.83 -37.47 -23.12
N GLY A 547 12.98 -36.28 -23.70
CA GLY A 547 13.76 -36.16 -24.92
C GLY A 547 15.22 -36.54 -24.75
N VAL A 548 15.76 -36.32 -23.55
CA VAL A 548 17.14 -36.71 -23.29
C VAL A 548 17.21 -38.17 -22.86
N ILE A 549 16.30 -38.59 -21.99
CA ILE A 549 16.37 -39.96 -21.46
C ILE A 549 16.07 -40.99 -22.55
N ASP A 550 15.41 -40.58 -23.63
CA ASP A 550 15.20 -41.50 -24.75
C ASP A 550 16.51 -41.84 -25.47
N ARG A 551 17.58 -41.11 -25.18
CA ARG A 551 18.88 -41.38 -25.78
C ARG A 551 19.89 -41.92 -24.78
N CYS A 552 19.69 -41.73 -23.49
CA CYS A 552 20.59 -42.30 -22.50
C CYS A 552 20.47 -43.81 -22.47
N THR A 553 21.59 -44.50 -22.61
CA THR A 553 21.64 -45.96 -22.57
C THR A 553 22.36 -46.49 -21.34
N HIS A 554 22.92 -45.62 -20.50
CA HIS A 554 23.60 -46.04 -19.29
C HIS A 554 23.28 -45.07 -18.17
N ILE A 555 23.58 -45.50 -16.94
CA ILE A 555 23.25 -44.76 -15.73
C ILE A 555 24.52 -44.55 -14.93
N ARG A 556 24.73 -43.33 -14.46
CA ARG A 556 25.89 -43.02 -13.62
C ARG A 556 25.44 -43.05 -12.16
N VAL A 557 25.89 -44.05 -11.42
CA VAL A 557 25.59 -44.19 -10.01
C VAL A 557 26.87 -43.98 -9.21
N GLY A 558 26.94 -42.86 -8.49
CA GLY A 558 28.17 -42.51 -7.82
C GLY A 558 29.25 -42.22 -8.85
N SER A 559 30.21 -43.13 -8.95
CA SER A 559 31.23 -43.08 -9.98
C SER A 559 31.22 -44.29 -10.91
N THR A 560 30.15 -45.08 -10.88
CA THR A 560 30.09 -46.33 -11.61
C THR A 560 29.10 -46.22 -12.76
N LYS A 561 29.51 -46.70 -13.94
CA LYS A 561 28.60 -46.79 -15.07
C LYS A 561 27.84 -48.10 -15.01
N VAL A 562 26.53 -48.05 -15.25
CA VAL A 562 25.66 -49.22 -15.12
C VAL A 562 24.76 -49.33 -16.33
N PRO A 563 24.58 -50.52 -16.91
CA PRO A 563 23.65 -50.67 -18.03
C PRO A 563 22.24 -50.27 -17.63
N MET A 564 21.59 -49.50 -18.49
CA MET A 564 20.24 -49.02 -18.21
C MET A 564 19.20 -50.03 -18.66
N THR A 565 18.14 -50.16 -17.84
CA THR A 565 17.02 -51.04 -18.16
C THR A 565 15.73 -50.23 -18.13
N SER A 566 14.64 -50.91 -18.48
CA SER A 566 13.35 -50.22 -18.60
C SER A 566 12.80 -49.81 -17.24
N GLY A 567 13.13 -50.55 -16.19
CA GLY A 567 12.61 -50.21 -14.87
C GLY A 567 13.15 -48.88 -14.36
N VAL A 568 14.46 -48.68 -14.49
CA VAL A 568 15.07 -47.40 -14.13
C VAL A 568 14.42 -46.27 -14.92
N LYS A 569 14.20 -46.50 -16.22
CA LYS A 569 13.62 -45.47 -17.07
C LYS A 569 12.21 -45.10 -16.61
N GLN A 570 11.37 -46.11 -16.37
CA GLN A 570 9.99 -45.82 -15.98
C GLN A 570 9.93 -45.19 -14.61
N LYS A 571 10.83 -45.57 -13.70
CA LYS A 571 10.85 -44.94 -12.38
C LYS A 571 11.24 -43.47 -12.48
N ILE A 572 12.28 -43.17 -13.25
CA ILE A 572 12.69 -41.78 -13.42
C ILE A 572 11.59 -40.98 -14.09
N MET A 573 10.90 -41.58 -15.06
CA MET A 573 9.85 -40.86 -15.76
C MET A 573 8.65 -40.60 -14.85
N SER A 574 8.32 -41.55 -13.98
CA SER A 574 7.24 -41.33 -13.02
C SER A 574 7.61 -40.24 -12.04
N VAL A 575 8.86 -40.21 -11.58
CA VAL A 575 9.27 -39.16 -10.66
C VAL A 575 9.26 -37.80 -11.34
N ILE A 576 9.63 -37.77 -12.62
CA ILE A 576 9.57 -36.52 -13.39
C ILE A 576 8.13 -36.04 -13.52
N ARG A 577 7.21 -36.95 -13.86
CA ARG A 577 5.81 -36.57 -13.99
C ARG A 577 5.25 -36.10 -12.65
N GLU A 578 5.73 -36.68 -11.55
CA GLU A 578 5.36 -36.17 -10.23
C GLU A 578 5.90 -34.78 -10.01
N TRP A 579 7.11 -34.51 -10.49
CA TRP A 579 7.71 -33.19 -10.34
C TRP A 579 7.13 -32.20 -11.35
N GLY A 580 6.82 -32.67 -12.55
CA GLY A 580 6.40 -31.79 -13.62
C GLY A 580 4.98 -31.28 -13.52
N SER A 581 4.24 -31.75 -12.51
CA SER A 581 2.85 -31.36 -12.35
C SER A 581 2.41 -31.70 -10.94
N GLY A 582 1.11 -31.55 -10.68
CA GLY A 582 0.59 -31.87 -9.37
C GLY A 582 0.65 -30.68 -8.43
N SER A 583 1.01 -30.94 -7.17
CA SER A 583 1.12 -29.87 -6.20
C SER A 583 2.25 -28.91 -6.56
N ASP A 584 3.41 -29.45 -6.94
CA ASP A 584 4.56 -28.66 -7.36
C ASP A 584 4.73 -28.82 -8.86
N THR A 585 4.39 -27.77 -9.60
CA THR A 585 4.59 -27.75 -11.04
C THR A 585 5.96 -27.15 -11.32
N LEU A 586 6.92 -27.99 -11.68
CA LEU A 586 8.31 -27.58 -11.81
C LEU A 586 8.76 -27.76 -13.25
N ARG A 587 9.52 -26.79 -13.75
CA ARG A 587 10.26 -26.97 -14.99
C ARG A 587 11.40 -27.93 -14.71
N CYS A 588 11.33 -29.11 -15.31
CA CYS A 588 12.31 -30.16 -15.09
C CYS A 588 13.36 -30.13 -16.19
N LEU A 589 14.56 -30.59 -15.85
CA LEU A 589 15.70 -30.52 -16.75
C LEU A 589 16.60 -31.72 -16.50
N ALA A 590 16.76 -32.56 -17.52
CA ALA A 590 17.57 -33.76 -17.44
C ALA A 590 19.00 -33.44 -17.84
N LEU A 591 19.95 -34.01 -17.11
CA LEU A 591 21.37 -33.72 -17.25
C LEU A 591 22.10 -35.05 -17.44
N ALA A 592 22.79 -35.20 -18.56
CA ALA A 592 23.48 -36.44 -18.89
C ALA A 592 24.87 -36.13 -19.43
N THR A 593 25.68 -37.19 -19.53
CA THR A 593 27.04 -37.07 -20.04
C THR A 593 27.30 -38.16 -21.08
N HIS A 594 28.25 -37.87 -21.96
CA HIS A 594 28.72 -38.80 -22.98
C HIS A 594 30.21 -39.01 -22.73
N ASP A 595 30.58 -40.24 -22.37
CA ASP A 595 31.95 -40.53 -21.98
C ASP A 595 32.84 -40.84 -23.17
N ASN A 596 32.29 -41.44 -24.22
CA ASN A 596 33.05 -41.82 -25.41
C ASN A 596 32.46 -41.12 -26.64
N PRO A 597 32.71 -39.82 -26.80
CA PRO A 597 32.26 -39.12 -28.00
C PRO A 597 33.32 -39.11 -29.09
N LEU A 598 32.85 -38.98 -30.32
CA LEU A 598 33.76 -38.88 -31.44
C LEU A 598 34.43 -37.50 -31.46
N ARG A 599 35.65 -37.46 -31.96
CA ARG A 599 36.46 -36.25 -31.89
C ARG A 599 35.88 -35.14 -32.77
N ARG A 600 36.36 -33.92 -32.52
CA ARG A 600 35.88 -32.76 -33.28
C ARG A 600 36.21 -32.89 -34.76
N GLU A 601 37.24 -33.67 -35.10
CA GLU A 601 37.57 -33.88 -36.51
C GLU A 601 36.41 -34.53 -37.25
N GLU A 602 35.80 -35.55 -36.64
CA GLU A 602 34.65 -36.20 -37.26
C GLU A 602 33.37 -35.39 -37.06
N MET A 603 33.39 -34.45 -36.12
CA MET A 603 32.22 -33.61 -35.89
C MET A 603 32.01 -32.67 -37.07
N HIS A 604 30.74 -32.50 -37.45
CA HIS A 604 30.35 -31.60 -38.53
C HIS A 604 29.20 -30.74 -38.06
N LEU A 605 29.43 -29.44 -37.97
CA LEU A 605 28.47 -28.50 -37.39
C LEU A 605 27.70 -27.70 -38.43
N GLU A 606 27.67 -28.13 -39.70
CA GLU A 606 26.98 -27.37 -40.72
C GLU A 606 25.46 -27.54 -40.60
N ASP A 607 25.02 -28.75 -40.29
CA ASP A 607 23.60 -29.06 -40.20
C ASP A 607 23.18 -29.26 -38.75
N SER A 608 21.94 -28.88 -38.45
CA SER A 608 21.44 -29.00 -37.08
C SER A 608 21.01 -30.42 -36.77
N ALA A 609 20.70 -31.22 -37.79
CA ALA A 609 20.20 -32.58 -37.57
C ALA A 609 21.29 -33.54 -37.13
N ASN A 610 22.56 -33.18 -37.29
CA ASN A 610 23.64 -34.07 -36.87
C ASN A 610 23.86 -33.99 -35.36
N PHE A 611 23.34 -32.95 -34.72
CA PHE A 611 23.58 -32.75 -33.29
C PHE A 611 22.95 -33.87 -32.47
N ILE A 612 21.78 -34.34 -32.87
CA ILE A 612 21.11 -35.40 -32.11
C ILE A 612 21.79 -36.74 -32.33
N LYS A 613 22.25 -36.99 -33.56
CA LYS A 613 22.90 -38.27 -33.85
C LYS A 613 24.31 -38.31 -33.28
N TYR A 614 24.88 -37.15 -32.98
CA TYR A 614 26.20 -37.12 -32.35
C TYR A 614 26.15 -37.59 -30.90
N GLU A 615 24.96 -37.53 -30.28
CA GLU A 615 24.77 -37.93 -28.90
C GLU A 615 23.76 -39.07 -28.77
N THR A 616 23.86 -40.08 -29.64
CA THR A 616 22.89 -41.17 -29.62
C THR A 616 23.00 -42.00 -28.34
N ASN A 617 24.21 -42.20 -27.84
CA ASN A 617 24.45 -42.95 -26.62
C ASN A 617 24.90 -41.99 -25.53
N LEU A 618 24.17 -41.96 -24.42
CA LEU A 618 24.43 -41.04 -23.33
C LEU A 618 24.37 -41.77 -22.00
N THR A 619 24.92 -41.13 -20.97
CA THR A 619 24.91 -41.64 -19.61
C THR A 619 24.15 -40.67 -18.73
N PHE A 620 22.94 -41.07 -18.31
CA PHE A 620 22.09 -40.20 -17.51
C PHE A 620 22.75 -39.94 -16.16
N VAL A 621 22.91 -38.67 -15.82
CA VAL A 621 23.52 -38.27 -14.56
C VAL A 621 22.48 -37.89 -13.52
N GLY A 622 21.51 -37.08 -13.89
CA GLY A 622 20.48 -36.71 -12.93
C GLY A 622 19.48 -35.76 -13.55
N CYS A 623 18.71 -35.11 -12.67
CA CYS A 623 17.75 -34.11 -13.11
C CYS A 623 17.55 -33.05 -12.04
N VAL A 624 17.09 -31.88 -12.48
CA VAL A 624 16.81 -30.76 -11.59
C VAL A 624 15.42 -30.21 -11.90
N GLY A 625 14.86 -29.50 -10.94
CA GLY A 625 13.55 -28.89 -11.08
C GLY A 625 13.54 -27.49 -10.51
N MET A 626 13.19 -26.53 -11.35
CA MET A 626 13.21 -25.11 -10.99
C MET A 626 11.86 -24.48 -11.32
N LEU A 627 11.56 -23.39 -10.63
CA LEU A 627 10.29 -22.69 -10.84
C LEU A 627 10.48 -21.22 -10.51
N ASP A 628 9.42 -20.44 -10.75
CA ASP A 628 9.35 -19.06 -10.29
C ASP A 628 8.84 -19.06 -8.86
N PRO A 629 9.71 -18.94 -7.87
CA PRO A 629 9.31 -19.24 -6.50
C PRO A 629 8.56 -18.08 -5.88
N PRO A 630 7.52 -18.34 -5.10
CA PRO A 630 6.82 -17.27 -4.40
C PRO A 630 7.72 -16.62 -3.37
N ARG A 631 7.38 -15.39 -3.01
CA ARG A 631 8.12 -14.71 -1.96
C ARG A 631 7.93 -15.42 -0.64
N ILE A 632 8.97 -15.37 0.21
CA ILE A 632 8.95 -16.14 1.45
C ILE A 632 7.98 -15.60 2.48
N GLU A 633 7.40 -14.41 2.25
CA GLU A 633 6.47 -13.82 3.19
C GLU A 633 5.02 -13.88 2.72
N VAL A 634 4.75 -14.54 1.59
CA VAL A 634 3.40 -14.55 1.05
C VAL A 634 2.56 -15.68 1.67
N ALA A 635 3.20 -16.81 1.98
CA ALA A 635 2.46 -17.96 2.49
C ALA A 635 1.82 -17.66 3.83
N SER A 636 2.54 -16.96 4.71
CA SER A 636 1.96 -16.58 6.00
C SER A 636 1.03 -15.38 5.84
N SER A 637 1.29 -14.54 4.85
CA SER A 637 0.50 -13.33 4.68
C SER A 637 -0.90 -13.64 4.20
N VAL A 638 -1.05 -14.61 3.28
CA VAL A 638 -2.39 -14.96 2.84
C VAL A 638 -3.20 -15.55 4.00
N LYS A 639 -2.53 -16.28 4.89
CA LYS A 639 -3.21 -16.84 6.05
C LYS A 639 -3.62 -15.76 7.03
N LEU A 640 -2.72 -14.81 7.30
CA LEU A 640 -3.05 -13.72 8.21
C LEU A 640 -4.16 -12.85 7.65
N CYS A 641 -4.18 -12.63 6.33
CA CYS A 641 -5.27 -11.88 5.72
C CYS A 641 -6.56 -12.69 5.70
N ARG A 642 -6.46 -14.02 5.69
CA ARG A 642 -7.66 -14.85 5.83
C ARG A 642 -8.24 -14.73 7.23
N GLN A 643 -7.38 -14.66 8.25
CA GLN A 643 -7.86 -14.47 9.61
C GLN A 643 -8.60 -13.16 9.77
N ALA A 644 -8.04 -12.08 9.24
CA ALA A 644 -8.64 -10.75 9.36
C ALA A 644 -9.87 -10.57 8.48
N GLY A 645 -10.30 -11.60 7.77
CA GLY A 645 -11.49 -11.51 6.95
C GLY A 645 -11.26 -10.95 5.56
N ILE A 646 -10.05 -11.01 5.04
CA ILE A 646 -9.69 -10.43 3.75
C ILE A 646 -9.59 -11.55 2.73
N ARG A 647 -10.24 -11.36 1.57
CA ARG A 647 -10.18 -12.33 0.50
C ARG A 647 -9.10 -11.95 -0.50
N VAL A 648 -8.13 -12.85 -0.70
CA VAL A 648 -7.02 -12.62 -1.61
C VAL A 648 -7.31 -13.26 -2.96
N ILE A 649 -7.23 -12.47 -4.02
CA ILE A 649 -7.47 -12.92 -5.38
C ILE A 649 -6.21 -12.70 -6.20
N MET A 650 -5.87 -13.65 -7.07
CA MET A 650 -4.72 -13.52 -7.94
C MET A 650 -5.20 -13.26 -9.37
N ILE A 651 -4.79 -12.12 -9.92
CA ILE A 651 -5.10 -11.75 -11.30
C ILE A 651 -3.77 -11.61 -12.02
N THR A 652 -3.49 -12.52 -12.95
CA THR A 652 -2.18 -12.60 -13.58
C THR A 652 -2.32 -12.80 -15.08
N GLY A 653 -1.25 -12.47 -15.80
CA GLY A 653 -1.19 -12.66 -17.23
C GLY A 653 -0.60 -13.98 -17.68
N ASP A 654 0.02 -14.72 -16.76
CA ASP A 654 0.60 -16.01 -17.08
C ASP A 654 -0.51 -17.04 -17.33
N ASN A 655 -0.11 -18.21 -17.83
CA ASN A 655 -1.08 -19.25 -18.12
C ASN A 655 -1.68 -19.80 -16.82
N LYS A 656 -2.78 -20.55 -16.97
CA LYS A 656 -3.51 -21.02 -15.80
C LYS A 656 -2.73 -22.09 -15.04
N GLY A 657 -1.85 -22.82 -15.71
CA GLY A 657 -1.07 -23.85 -15.04
C GLY A 657 -0.18 -23.30 -13.95
N THR A 658 0.73 -22.40 -14.31
CA THR A 658 1.63 -21.79 -13.34
C THR A 658 0.85 -20.98 -12.31
N ALA A 659 -0.22 -20.31 -12.75
CA ALA A 659 -1.01 -19.51 -11.83
C ALA A 659 -1.61 -20.37 -10.74
N VAL A 660 -2.29 -21.46 -11.11
CA VAL A 660 -2.90 -22.33 -10.11
C VAL A 660 -1.85 -23.05 -9.29
N ALA A 661 -0.69 -23.36 -9.88
CA ALA A 661 0.39 -23.95 -9.09
C ALA A 661 0.83 -23.02 -7.98
N ILE A 662 1.08 -21.75 -8.31
CA ILE A 662 1.49 -20.80 -7.28
C ILE A 662 0.35 -20.54 -6.30
N CYS A 663 -0.90 -20.59 -6.76
CA CYS A 663 -2.03 -20.44 -5.85
C CYS A 663 -2.03 -21.55 -4.81
N ARG A 664 -1.88 -22.80 -5.25
CA ARG A 664 -1.81 -23.91 -4.32
C ARG A 664 -0.58 -23.80 -3.42
N ARG A 665 0.50 -23.20 -3.92
CA ARG A 665 1.73 -23.14 -3.14
C ARG A 665 1.63 -22.11 -2.03
N ILE A 666 1.13 -20.91 -2.33
CA ILE A 666 1.13 -19.85 -1.32
C ILE A 666 0.01 -20.06 -0.31
N GLY A 667 -1.08 -20.69 -0.69
CA GLY A 667 -2.18 -20.96 0.22
C GLY A 667 -3.53 -20.45 -0.24
N ILE A 668 -3.65 -19.86 -1.43
CA ILE A 668 -4.96 -19.43 -1.91
C ILE A 668 -5.86 -20.64 -2.14
N PHE A 669 -5.32 -21.69 -2.76
CA PHE A 669 -6.02 -22.95 -2.97
C PHE A 669 -5.36 -24.04 -2.15
N GLY A 670 -6.06 -25.16 -2.01
CA GLY A 670 -5.50 -26.31 -1.36
C GLY A 670 -4.78 -27.22 -2.32
N GLN A 671 -3.92 -28.08 -1.76
CA GLN A 671 -3.13 -28.98 -2.61
C GLN A 671 -3.99 -29.97 -3.38
N ASP A 672 -5.21 -30.23 -2.92
CA ASP A 672 -6.13 -31.11 -3.62
C ASP A 672 -7.48 -30.47 -3.88
N GLU A 673 -7.61 -29.16 -3.66
CA GLU A 673 -8.89 -28.48 -3.82
C GLU A 673 -9.25 -28.37 -5.29
N ASP A 674 -10.51 -28.68 -5.61
CA ASP A 674 -11.00 -28.51 -6.97
C ASP A 674 -11.15 -27.03 -7.29
N VAL A 675 -10.63 -26.63 -8.46
CA VAL A 675 -10.60 -25.22 -8.84
C VAL A 675 -11.38 -25.04 -10.14
N THR A 676 -12.39 -25.88 -10.36
CA THR A 676 -13.16 -25.80 -11.60
C THR A 676 -13.89 -24.46 -11.72
N SER A 677 -14.56 -24.03 -10.65
CA SER A 677 -15.27 -22.76 -10.65
C SER A 677 -14.56 -21.70 -9.81
N LYS A 678 -13.28 -21.92 -9.50
CA LYS A 678 -12.50 -20.96 -8.73
C LYS A 678 -11.29 -20.44 -9.48
N ALA A 679 -11.01 -20.95 -10.68
CA ALA A 679 -9.88 -20.50 -11.48
C ALA A 679 -10.36 -20.27 -12.91
N PHE A 680 -10.16 -19.06 -13.42
CA PHE A 680 -10.65 -18.67 -14.72
C PHE A 680 -9.51 -18.15 -15.60
N THR A 681 -9.85 -17.89 -16.84
CA THR A 681 -8.96 -17.21 -17.78
C THR A 681 -9.65 -15.94 -18.28
N GLY A 682 -9.04 -15.28 -19.26
CA GLY A 682 -9.69 -14.13 -19.86
C GLY A 682 -10.90 -14.51 -20.68
N ARG A 683 -10.75 -15.48 -21.56
CA ARG A 683 -11.87 -15.93 -22.38
C ARG A 683 -12.91 -16.66 -21.54
N GLU A 684 -12.47 -17.50 -20.61
CA GLU A 684 -13.39 -18.21 -19.75
C GLU A 684 -14.22 -17.27 -18.89
N PHE A 685 -13.72 -16.06 -18.62
CA PHE A 685 -14.50 -15.06 -17.92
C PHE A 685 -15.33 -14.21 -18.87
N ASP A 686 -14.87 -14.02 -20.11
CA ASP A 686 -15.64 -13.24 -21.06
C ASP A 686 -16.88 -14.00 -21.54
N GLU A 687 -16.78 -15.32 -21.64
CA GLU A 687 -17.90 -16.13 -22.12
C GLU A 687 -18.90 -16.48 -21.03
N LEU A 688 -18.93 -15.72 -19.94
CA LEU A 688 -19.88 -15.96 -18.86
C LEU A 688 -21.00 -14.93 -18.89
N ASN A 689 -22.18 -15.35 -18.46
CA ASN A 689 -23.31 -14.45 -18.33
C ASN A 689 -23.13 -13.56 -17.10
N PRO A 690 -23.84 -12.43 -17.03
CA PRO A 690 -23.66 -11.52 -15.88
C PRO A 690 -23.79 -12.19 -14.53
N SER A 691 -24.74 -13.11 -14.37
CA SER A 691 -24.85 -13.82 -13.09
C SER A 691 -23.66 -14.73 -12.86
N ALA A 692 -23.16 -15.36 -13.94
CA ALA A 692 -21.97 -16.19 -13.81
C ALA A 692 -20.76 -15.36 -13.46
N GLN A 693 -20.61 -14.18 -14.07
CA GLN A 693 -19.52 -13.28 -13.71
C GLN A 693 -19.65 -12.81 -12.26
N ARG A 694 -20.89 -12.61 -11.80
CA ARG A 694 -21.10 -12.22 -10.41
C ARG A 694 -20.65 -13.32 -9.46
N ASP A 695 -21.10 -14.54 -9.70
CA ASP A 695 -20.67 -15.67 -8.88
C ASP A 695 -19.16 -15.88 -8.94
N ALA A 696 -18.54 -15.63 -10.10
CA ALA A 696 -17.10 -15.73 -10.21
C ALA A 696 -16.41 -14.70 -9.33
N CYS A 697 -16.71 -13.42 -9.55
CA CYS A 697 -16.08 -12.36 -8.76
C CYS A 697 -16.36 -12.52 -7.28
N LEU A 698 -17.44 -13.21 -6.92
CA LEU A 698 -17.74 -13.46 -5.51
C LEU A 698 -17.07 -14.71 -4.96
N ASN A 699 -16.66 -15.65 -5.81
CA ASN A 699 -16.05 -16.89 -5.34
C ASN A 699 -14.72 -17.25 -5.99
N ALA A 700 -14.41 -16.73 -7.18
CA ALA A 700 -13.15 -17.07 -7.82
C ALA A 700 -11.98 -16.48 -7.05
N ARG A 701 -10.81 -17.12 -7.21
CA ARG A 701 -9.61 -16.69 -6.50
C ARG A 701 -8.38 -16.62 -7.39
N CYS A 702 -8.48 -17.01 -8.66
CA CYS A 702 -7.34 -16.98 -9.55
C CYS A 702 -7.82 -16.69 -10.97
N PHE A 703 -7.41 -15.55 -11.51
CA PHE A 703 -7.66 -15.19 -12.91
C PHE A 703 -6.32 -15.17 -13.62
N ALA A 704 -6.18 -16.00 -14.65
CA ALA A 704 -4.94 -16.10 -15.41
C ALA A 704 -5.18 -15.68 -16.85
N ARG A 705 -4.09 -15.30 -17.52
CA ARG A 705 -4.12 -14.83 -18.90
C ARG A 705 -5.18 -13.73 -19.09
N VAL A 706 -4.98 -12.63 -18.38
CA VAL A 706 -5.85 -11.47 -18.46
C VAL A 706 -5.07 -10.31 -19.03
N GLU A 707 -5.75 -9.47 -19.80
CA GLU A 707 -5.14 -8.28 -20.38
C GLU A 707 -5.16 -7.14 -19.36
N PRO A 708 -4.33 -6.10 -19.55
CA PRO A 708 -4.32 -5.00 -18.60
C PRO A 708 -5.68 -4.37 -18.36
N SER A 709 -6.58 -4.40 -19.35
CA SER A 709 -7.94 -3.93 -19.13
C SER A 709 -8.80 -4.97 -18.41
N HIS A 710 -8.47 -6.25 -18.52
CA HIS A 710 -9.22 -7.28 -17.81
C HIS A 710 -9.07 -7.13 -16.30
N LYS A 711 -7.87 -6.79 -15.83
CA LYS A 711 -7.68 -6.57 -14.40
C LYS A 711 -8.52 -5.41 -13.90
N SER A 712 -8.59 -4.33 -14.69
CA SER A 712 -9.44 -3.20 -14.32
C SER A 712 -10.90 -3.60 -14.31
N LYS A 713 -11.32 -4.44 -15.26
CA LYS A 713 -12.69 -4.93 -15.26
C LYS A 713 -13.00 -5.73 -14.00
N ILE A 714 -12.07 -6.59 -13.60
CA ILE A 714 -12.27 -7.40 -12.39
C ILE A 714 -12.36 -6.50 -11.16
N VAL A 715 -11.45 -5.53 -11.05
CA VAL A 715 -11.47 -4.63 -9.89
C VAL A 715 -12.74 -3.80 -9.88
N GLU A 716 -13.19 -3.34 -11.04
CA GLU A 716 -14.43 -2.57 -11.11
C GLU A 716 -15.63 -3.42 -10.71
N PHE A 717 -15.63 -4.70 -11.08
CA PHE A 717 -16.72 -5.57 -10.64
C PHE A 717 -16.70 -5.76 -9.13
N LEU A 718 -15.51 -6.03 -8.58
CA LEU A 718 -15.39 -6.21 -7.13
C LEU A 718 -15.85 -4.97 -6.37
N GLN A 719 -15.58 -3.79 -6.93
CA GLN A 719 -16.08 -2.56 -6.30
C GLN A 719 -17.57 -2.37 -6.52
N SER A 720 -18.09 -2.81 -7.66
CA SER A 720 -19.52 -2.74 -7.91
C SER A 720 -20.30 -3.61 -6.93
N PHE A 721 -19.67 -4.67 -6.41
CA PHE A 721 -20.28 -5.45 -5.34
C PHE A 721 -20.08 -4.81 -3.97
N ASP A 722 -19.74 -3.53 -3.93
CA ASP A 722 -19.57 -2.76 -2.68
C ASP A 722 -18.49 -3.40 -1.79
N GLU A 723 -17.28 -3.40 -2.32
CA GLU A 723 -16.13 -3.97 -1.62
C GLU A 723 -14.92 -3.08 -1.85
N ILE A 724 -14.34 -2.58 -0.75
CA ILE A 724 -13.09 -1.85 -0.85
C ILE A 724 -11.99 -2.79 -1.34
N THR A 725 -11.46 -2.50 -2.52
CA THR A 725 -10.53 -3.40 -3.19
C THR A 725 -9.11 -2.84 -3.12
N ALA A 726 -8.15 -3.73 -2.92
CA ALA A 726 -6.74 -3.40 -2.96
C ALA A 726 -6.08 -4.23 -4.05
N MET A 727 -5.31 -3.58 -4.92
CA MET A 727 -4.59 -4.26 -5.99
C MET A 727 -3.10 -4.11 -5.74
N THR A 728 -2.37 -5.21 -5.84
CA THR A 728 -0.92 -5.22 -5.73
C THR A 728 -0.33 -5.65 -7.06
N GLY A 729 0.71 -4.94 -7.50
CA GLY A 729 1.31 -5.25 -8.79
C GLY A 729 2.70 -4.67 -8.91
N ASP A 730 3.38 -5.08 -9.97
CA ASP A 730 4.73 -4.57 -10.24
C ASP A 730 4.97 -4.26 -11.70
N GLY A 731 4.01 -4.50 -12.59
CA GLY A 731 4.24 -4.38 -14.01
C GLY A 731 3.41 -3.27 -14.62
N VAL A 732 3.66 -3.01 -15.89
CA VAL A 732 2.86 -2.04 -16.62
C VAL A 732 1.43 -2.53 -16.74
N ASN A 733 1.24 -3.84 -16.92
CA ASN A 733 -0.09 -4.39 -17.09
C ASN A 733 -0.97 -4.21 -15.87
N ASP A 734 -0.39 -3.86 -14.72
CA ASP A 734 -1.15 -3.60 -13.51
C ASP A 734 -1.50 -2.13 -13.34
N ALA A 735 -0.88 -1.23 -14.10
CA ALA A 735 -1.12 0.19 -13.91
C ALA A 735 -2.58 0.59 -14.09
N PRO A 736 -3.32 0.12 -15.09
CA PRO A 736 -4.75 0.47 -15.15
C PRO A 736 -5.55 -0.11 -13.99
N ALA A 737 -5.07 -1.16 -13.34
CA ALA A 737 -5.78 -1.74 -12.22
C ALA A 737 -5.41 -1.07 -10.90
N LEU A 738 -4.12 -0.80 -10.70
CA LEU A 738 -3.68 -0.12 -9.48
C LEU A 738 -4.38 1.22 -9.30
N LYS A 739 -4.69 1.91 -10.40
CA LYS A 739 -5.38 3.18 -10.31
C LYS A 739 -6.88 3.01 -10.10
N LYS A 740 -7.45 1.87 -10.46
CA LYS A 740 -8.87 1.66 -10.26
C LYS A 740 -9.22 1.29 -8.83
N ALA A 741 -8.33 0.55 -8.16
CA ALA A 741 -8.59 0.13 -6.79
C ALA A 741 -8.65 1.34 -5.85
N GLU A 742 -9.34 1.16 -4.73
CA GLU A 742 -9.35 2.20 -3.70
C GLU A 742 -7.94 2.46 -3.17
N ILE A 743 -7.14 1.41 -3.07
CA ILE A 743 -5.72 1.56 -2.78
C ILE A 743 -4.95 0.60 -3.68
N GLY A 744 -3.90 1.10 -4.32
CA GLY A 744 -3.06 0.27 -5.16
C GLY A 744 -1.65 0.24 -4.63
N ILE A 745 -1.13 -0.96 -4.36
CA ILE A 745 0.20 -1.12 -3.81
C ILE A 745 1.12 -1.61 -4.91
N ALA A 746 2.28 -0.97 -5.04
CA ALA A 746 3.28 -1.35 -6.03
C ALA A 746 4.54 -1.86 -5.33
N MET A 747 5.27 -2.72 -6.01
CA MET A 747 6.50 -3.26 -5.45
C MET A 747 7.65 -2.31 -5.71
N GLY A 748 8.60 -2.29 -4.79
CA GLY A 748 9.72 -1.37 -4.89
C GLY A 748 10.62 -1.60 -6.09
N SER A 749 10.54 -2.78 -6.69
CA SER A 749 11.34 -3.10 -7.87
C SER A 749 10.54 -3.07 -9.16
N GLY A 750 9.23 -2.84 -9.08
CA GLY A 750 8.40 -2.82 -10.26
C GLY A 750 8.68 -1.62 -11.15
N THR A 751 7.89 -1.53 -12.21
CA THR A 751 8.07 -0.48 -13.19
C THR A 751 7.67 0.87 -12.62
N ALA A 752 8.07 1.93 -13.32
CA ALA A 752 7.76 3.28 -12.86
C ALA A 752 6.29 3.61 -13.07
N VAL A 753 5.65 3.00 -14.07
CA VAL A 753 4.23 3.25 -14.32
C VAL A 753 3.39 2.68 -13.18
N ALA A 754 3.76 1.50 -12.68
CA ALA A 754 3.04 0.90 -11.57
C ALA A 754 3.19 1.74 -10.31
N LYS A 755 4.41 2.23 -10.04
CA LYS A 755 4.61 3.10 -8.88
C LYS A 755 3.91 4.44 -9.07
N THR A 756 3.68 4.85 -10.31
CA THR A 756 2.96 6.08 -10.57
C THR A 756 1.48 5.91 -10.27
N ALA A 757 0.88 4.81 -10.73
CA ALA A 757 -0.54 4.58 -10.53
C ALA A 757 -0.88 4.08 -9.13
N SER A 758 0.11 3.92 -8.26
CA SER A 758 -0.10 3.31 -6.95
C SER A 758 -0.21 4.37 -5.86
N GLU A 759 -0.98 4.02 -4.82
CA GLU A 759 -1.08 4.86 -3.63
C GLU A 759 -0.11 4.45 -2.53
N MET A 760 0.39 3.22 -2.56
CA MET A 760 1.43 2.75 -1.65
C MET A 760 2.51 2.05 -2.46
N VAL A 761 3.73 2.07 -1.94
CA VAL A 761 4.87 1.43 -2.59
C VAL A 761 5.66 0.67 -1.54
N LEU A 762 5.81 -0.64 -1.72
CA LEU A 762 6.58 -1.48 -0.81
C LEU A 762 8.04 -1.43 -1.24
N ALA A 763 8.80 -0.51 -0.64
CA ALA A 763 10.17 -0.26 -1.06
C ALA A 763 11.08 -1.47 -0.88
N ASP A 764 10.70 -2.45 -0.06
CA ASP A 764 11.54 -3.60 0.21
C ASP A 764 10.95 -4.90 -0.31
N ASP A 765 9.90 -4.84 -1.14
CA ASP A 765 9.27 -6.02 -1.72
C ASP A 765 8.82 -7.00 -0.64
N ASN A 766 8.32 -6.45 0.46
CA ASN A 766 7.88 -7.25 1.60
C ASN A 766 6.36 -7.29 1.60
N PHE A 767 5.79 -8.45 1.30
CA PHE A 767 4.35 -8.60 1.29
C PHE A 767 3.75 -8.61 2.69
N SER A 768 4.47 -9.15 3.67
CA SER A 768 3.99 -9.14 5.05
C SER A 768 3.68 -7.74 5.54
N THR A 769 4.43 -6.75 5.07
CA THR A 769 4.16 -5.36 5.42
C THR A 769 2.71 -4.99 5.15
N ILE A 770 2.14 -5.48 4.05
CA ILE A 770 0.74 -5.23 3.75
C ILE A 770 -0.14 -5.62 4.94
N VAL A 771 0.06 -6.83 5.46
CA VAL A 771 -0.69 -7.26 6.63
C VAL A 771 -0.51 -6.26 7.77
N ALA A 772 0.73 -5.85 8.04
CA ALA A 772 0.96 -4.83 9.06
C ALA A 772 0.15 -3.58 8.77
N ALA A 773 0.13 -3.14 7.52
CA ALA A 773 -0.66 -1.97 7.15
C ALA A 773 -2.14 -2.20 7.45
N VAL A 774 -2.64 -3.40 7.15
CA VAL A 774 -4.04 -3.70 7.42
C VAL A 774 -4.34 -3.54 8.90
N GLU A 775 -3.34 -3.78 9.76
CA GLU A 775 -3.54 -3.57 11.18
C GLU A 775 -3.69 -2.08 11.49
N GLU A 776 -2.80 -1.26 10.94
CA GLU A 776 -2.79 0.16 11.32
C GLU A 776 -4.08 0.85 10.90
N GLY A 777 -4.49 0.67 9.65
CA GLY A 777 -5.75 1.24 9.21
C GLY A 777 -6.93 0.77 10.04
N ARG A 778 -6.76 -0.34 10.75
CA ARG A 778 -7.81 -0.80 11.65
C ARG A 778 -7.72 -0.10 12.99
N ALA A 779 -6.50 0.10 13.49
CA ALA A 779 -6.33 0.80 14.77
C ALA A 779 -6.64 2.28 14.63
N ILE A 780 -5.96 2.94 13.68
CA ILE A 780 -6.12 4.39 13.49
C ILE A 780 -7.59 4.78 13.47
N TYR A 781 -8.35 4.18 12.55
CA TYR A 781 -9.77 4.50 12.42
C TYR A 781 -10.47 4.39 13.77
N ASN A 782 -10.27 3.29 14.49
CA ASN A 782 -10.83 3.16 15.83
C ASN A 782 -10.49 4.37 16.67
N ASN A 783 -9.19 4.63 16.88
CA ASN A 783 -8.77 5.80 17.64
C ASN A 783 -9.40 7.06 17.07
N MET A 784 -9.49 7.16 15.74
CA MET A 784 -10.12 8.31 15.14
C MET A 784 -11.49 8.58 15.75
N LYS A 785 -12.37 7.58 15.72
CA LYS A 785 -13.71 7.76 16.25
C LYS A 785 -13.66 8.33 17.66
N GLN A 786 -12.72 7.85 18.48
CA GLN A 786 -12.59 8.36 19.84
C GLN A 786 -12.48 9.88 19.84
N PHE A 787 -11.44 10.41 19.20
CA PHE A 787 -11.27 11.86 19.30
C PHE A 787 -12.18 12.59 18.35
N ILE A 788 -13.09 11.89 17.67
CA ILE A 788 -14.16 12.59 16.98
C ILE A 788 -15.35 12.79 17.91
N ARG A 789 -15.56 11.85 18.83
CA ARG A 789 -16.62 12.02 19.82
C ARG A 789 -16.18 12.98 20.92
N TYR A 790 -15.03 12.70 21.54
CA TYR A 790 -14.56 13.49 22.68
C TYR A 790 -14.54 14.98 22.37
N LEU A 791 -14.22 15.33 21.12
CA LEU A 791 -14.30 16.73 20.73
C LEU A 791 -15.75 17.17 20.54
N ILE A 792 -16.50 16.48 19.67
CA ILE A 792 -17.85 16.90 19.32
C ILE A 792 -18.69 17.10 20.57
N SER A 793 -18.81 16.05 21.40
CA SER A 793 -19.54 16.16 22.64
C SER A 793 -19.12 17.39 23.43
N SER A 794 -17.81 17.55 23.64
CA SER A 794 -17.32 18.72 24.37
C SER A 794 -17.96 19.99 23.87
N ASN A 795 -17.94 20.21 22.55
CA ASN A 795 -18.42 21.46 22.00
C ASN A 795 -19.91 21.66 22.27
N VAL A 796 -20.71 20.59 22.16
CA VAL A 796 -22.14 20.78 22.37
C VAL A 796 -22.40 21.14 23.83
N GLY A 797 -21.51 20.72 24.74
CA GLY A 797 -21.59 21.19 26.10
C GLY A 797 -21.52 22.70 26.17
N GLU A 798 -20.52 23.28 25.51
CA GLU A 798 -20.37 24.73 25.52
C GLU A 798 -21.54 25.41 24.82
N VAL A 799 -22.36 24.65 24.10
CA VAL A 799 -23.61 25.20 23.59
C VAL A 799 -24.66 25.24 24.68
N VAL A 800 -24.86 24.11 25.36
CA VAL A 800 -25.91 24.05 26.38
C VAL A 800 -25.55 24.95 27.55
N CYS A 801 -24.27 25.25 27.73
CA CYS A 801 -23.88 26.21 28.76
C CYS A 801 -24.34 27.61 28.40
N ILE A 802 -24.29 27.96 27.12
CA ILE A 802 -24.63 29.32 26.70
C ILE A 802 -26.14 29.49 26.57
N PHE A 803 -26.78 28.60 25.82
CA PHE A 803 -28.21 28.71 25.58
C PHE A 803 -29.00 28.77 26.89
N LEU A 804 -28.68 27.88 27.83
CA LEU A 804 -29.32 27.93 29.13
C LEU A 804 -29.07 29.26 29.83
N THR A 805 -27.85 29.77 29.75
CA THR A 805 -27.55 31.08 30.33
C THR A 805 -28.37 32.17 29.65
N ALA A 806 -28.76 31.96 28.40
CA ALA A 806 -29.68 32.89 27.74
C ALA A 806 -31.12 32.64 28.12
N ALA A 807 -31.47 31.40 28.46
CA ALA A 807 -32.84 31.08 28.84
C ALA A 807 -33.12 31.46 30.29
N LEU A 808 -32.25 31.03 31.21
CA LEU A 808 -32.44 31.37 32.62
C LEU A 808 -32.23 32.85 32.89
N GLY A 809 -31.49 33.55 32.03
CA GLY A 809 -31.21 34.96 32.24
C GLY A 809 -30.07 35.26 33.19
N PHE A 810 -29.36 34.23 33.65
CA PHE A 810 -28.23 34.44 34.55
C PHE A 810 -27.11 35.18 33.82
N PRO A 811 -26.19 35.79 34.56
CA PRO A 811 -25.04 36.43 33.91
C PRO A 811 -24.21 35.44 33.13
N GLU A 812 -23.49 35.95 32.14
CA GLU A 812 -22.69 35.10 31.26
C GLU A 812 -21.60 34.38 32.05
N ALA A 813 -21.60 33.06 31.97
CA ALA A 813 -20.63 32.23 32.68
C ALA A 813 -19.41 31.90 31.84
N LEU A 814 -19.61 31.54 30.59
CA LEU A 814 -18.53 31.18 29.68
C LEU A 814 -18.53 32.11 28.48
N ILE A 815 -17.39 32.72 28.21
CA ILE A 815 -17.25 33.68 27.11
C ILE A 815 -16.35 33.08 26.05
N PRO A 816 -16.47 33.48 24.78
CA PRO A 816 -15.72 32.78 23.72
C PRO A 816 -14.22 32.93 23.81
N VAL A 817 -13.72 33.97 24.49
CA VAL A 817 -12.28 34.20 24.54
C VAL A 817 -11.59 33.07 25.29
N GLN A 818 -12.26 32.51 26.29
CA GLN A 818 -11.68 31.37 27.01
C GLN A 818 -12.15 30.05 26.42
N LEU A 819 -13.30 30.05 25.75
CA LEU A 819 -13.75 28.84 25.05
C LEU A 819 -12.80 28.48 23.93
N LEU A 820 -12.18 29.47 23.27
CA LEU A 820 -11.18 29.17 22.26
C LEU A 820 -9.97 28.48 22.87
N TRP A 821 -9.45 29.02 23.98
CA TRP A 821 -8.33 28.39 24.66
C TRP A 821 -8.68 26.98 25.10
N VAL A 822 -9.89 26.78 25.61
CA VAL A 822 -10.32 25.43 25.97
C VAL A 822 -10.26 24.52 24.75
N ASN A 823 -11.07 24.84 23.72
CA ASN A 823 -11.22 23.99 22.55
C ASN A 823 -9.90 23.71 21.86
N LEU A 824 -8.90 24.58 22.00
CA LEU A 824 -7.61 24.32 21.40
C LEU A 824 -6.69 23.55 22.35
N VAL A 825 -6.31 24.17 23.47
CA VAL A 825 -5.27 23.58 24.30
C VAL A 825 -5.81 22.38 25.09
N THR A 826 -6.92 22.56 25.81
CA THR A 826 -7.41 21.51 26.67
C THR A 826 -8.33 20.54 25.95
N ASP A 827 -8.38 20.61 24.63
CA ASP A 827 -9.10 19.64 23.82
C ASP A 827 -8.27 19.10 22.67
N GLY A 828 -7.05 19.56 22.47
CA GLY A 828 -6.19 18.99 21.46
C GLY A 828 -5.14 18.07 22.05
N LEU A 829 -4.69 18.37 23.27
CA LEU A 829 -3.73 17.47 23.91
C LEU A 829 -4.36 16.15 24.29
N PRO A 830 -5.52 16.10 24.97
CA PRO A 830 -6.16 14.81 25.20
C PRO A 830 -6.67 14.15 23.93
N ALA A 831 -7.15 14.93 22.96
CA ALA A 831 -7.62 14.33 21.70
C ALA A 831 -6.46 13.82 20.85
N THR A 832 -5.27 14.38 21.02
CA THR A 832 -4.09 13.82 20.37
C THR A 832 -3.63 12.56 21.08
N ALA A 833 -3.56 12.60 22.42
CA ALA A 833 -3.16 11.43 23.18
C ALA A 833 -4.14 10.28 23.04
N LEU A 834 -5.40 10.56 22.69
CA LEU A 834 -6.35 9.51 22.42
C LEU A 834 -6.08 8.78 21.10
N GLY A 835 -5.19 9.32 20.26
CA GLY A 835 -4.75 8.62 19.08
C GLY A 835 -3.71 7.57 19.32
N PHE A 836 -3.10 7.56 20.51
CA PHE A 836 -2.12 6.56 20.90
C PHE A 836 -2.73 5.43 21.71
N ASN A 837 -4.04 5.24 21.62
CA ASN A 837 -4.71 4.22 22.40
C ASN A 837 -4.17 2.84 22.04
N PRO A 838 -4.03 1.94 23.02
CA PRO A 838 -3.61 0.57 22.70
C PRO A 838 -4.66 -0.13 21.86
N PRO A 839 -4.25 -0.81 20.80
CA PRO A 839 -5.22 -1.47 19.92
C PRO A 839 -5.84 -2.69 20.59
N ASP A 840 -7.00 -3.07 20.08
CA ASP A 840 -7.73 -4.20 20.63
C ASP A 840 -6.93 -5.49 20.48
N LEU A 841 -7.32 -6.51 21.24
CA LEU A 841 -6.63 -7.79 21.18
C LEU A 841 -7.13 -8.64 20.01
N ASP A 842 -8.38 -8.46 19.61
CA ASP A 842 -8.96 -9.19 18.49
C ASP A 842 -9.19 -8.25 17.29
N ILE A 843 -8.28 -7.29 17.11
CA ILE A 843 -8.43 -6.34 16.02
C ILE A 843 -8.20 -7.01 14.67
N MET A 844 -7.19 -7.87 14.58
CA MET A 844 -6.90 -8.62 13.36
C MET A 844 -7.53 -10.00 13.37
N ASN A 845 -8.65 -10.17 14.06
CA ASN A 845 -9.37 -11.43 14.09
C ASN A 845 -10.85 -11.24 13.78
N LYS A 846 -11.23 -10.08 13.24
CA LYS A 846 -12.61 -9.78 12.92
C LYS A 846 -12.72 -9.30 11.48
N PRO A 847 -13.87 -9.49 10.84
CA PRO A 847 -14.03 -9.04 9.45
C PRO A 847 -13.87 -7.54 9.34
N PRO A 848 -13.57 -7.04 8.15
CA PRO A 848 -13.46 -5.59 7.97
C PRO A 848 -14.78 -4.89 8.25
N ARG A 849 -14.69 -3.63 8.66
CA ARG A 849 -15.88 -2.87 9.03
C ARG A 849 -16.79 -2.66 7.84
N ASN A 850 -18.09 -2.57 8.11
CA ASN A 850 -19.06 -2.33 7.05
C ASN A 850 -18.82 -0.96 6.43
N PRO A 851 -18.68 -0.87 5.11
CA PRO A 851 -18.44 0.44 4.49
C PRO A 851 -19.63 1.39 4.55
N LYS A 852 -20.79 0.92 4.98
CA LYS A 852 -21.98 1.78 5.05
C LYS A 852 -22.15 2.46 6.39
N GLU A 853 -21.61 1.90 7.47
CA GLU A 853 -21.83 2.47 8.79
C GLU A 853 -21.08 3.78 8.95
N PRO A 854 -21.67 4.79 9.58
CA PRO A 854 -21.00 6.09 9.70
C PRO A 854 -20.10 6.15 10.92
N LEU A 855 -19.34 7.25 11.00
CA LEU A 855 -18.45 7.46 12.14
C LEU A 855 -19.23 7.59 13.43
N ILE A 856 -20.23 8.47 13.47
CA ILE A 856 -21.07 8.69 14.63
C ILE A 856 -22.39 8.00 14.39
N SER A 857 -22.65 6.93 15.13
CA SER A 857 -23.86 6.14 14.97
C SER A 857 -25.03 6.84 15.67
N GLY A 858 -26.17 6.15 15.70
CA GLY A 858 -27.30 6.67 16.46
C GLY A 858 -27.04 6.66 17.95
N TRP A 859 -26.71 5.50 18.51
CA TRP A 859 -26.43 5.39 19.94
C TRP A 859 -25.31 6.34 20.35
N LEU A 860 -24.14 6.24 19.71
CA LEU A 860 -23.04 7.15 20.00
C LEU A 860 -23.42 8.61 19.83
N PHE A 861 -24.50 8.89 19.09
CA PHE A 861 -25.04 10.25 19.08
C PHE A 861 -25.66 10.58 20.43
N PHE A 862 -26.69 9.83 20.83
CA PHE A 862 -27.30 10.04 22.14
C PHE A 862 -26.25 10.00 23.24
N ARG A 863 -25.33 9.04 23.17
CA ARG A 863 -24.33 8.86 24.22
C ARG A 863 -23.50 10.12 24.43
N TYR A 864 -23.33 10.93 23.40
CA TYR A 864 -22.57 12.16 23.62
C TYR A 864 -23.50 13.31 24.01
N LEU A 865 -24.72 13.32 23.47
CA LEU A 865 -25.68 14.35 23.85
C LEU A 865 -25.82 14.43 25.36
N ALA A 866 -26.08 13.29 26.00
CA ALA A 866 -26.11 13.23 27.46
C ALA A 866 -24.90 13.93 28.05
N ILE A 867 -23.70 13.53 27.65
CA ILE A 867 -22.49 14.16 28.18
C ILE A 867 -22.53 15.65 27.93
N GLY A 868 -22.89 16.06 26.71
CA GLY A 868 -23.02 17.48 26.43
C GLY A 868 -23.98 18.17 27.39
N CYS A 869 -25.14 17.56 27.62
CA CYS A 869 -26.09 18.13 28.57
C CYS A 869 -25.46 18.29 29.94
N TYR A 870 -24.67 17.30 30.36
CA TYR A 870 -24.05 17.38 31.68
C TYR A 870 -23.03 18.52 31.73
N VAL A 871 -22.43 18.87 30.59
CA VAL A 871 -21.52 20.01 30.59
C VAL A 871 -22.30 21.31 30.57
N GLY A 872 -23.54 21.28 30.09
CA GLY A 872 -24.36 22.48 30.10
C GLY A 872 -24.99 22.72 31.46
N ALA A 873 -25.44 21.66 32.12
CA ALA A 873 -26.07 21.80 33.43
C ALA A 873 -25.04 22.11 34.51
N ALA A 874 -23.85 21.51 34.42
CA ALA A 874 -22.85 21.69 35.47
C ALA A 874 -22.25 23.08 35.44
N THR A 875 -21.64 23.47 34.32
CA THR A 875 -20.94 24.74 34.23
C THR A 875 -21.80 25.89 34.71
N VAL A 876 -22.94 26.11 34.05
CA VAL A 876 -23.89 27.13 34.49
C VAL A 876 -24.16 26.97 35.99
N GLY A 877 -24.55 25.77 36.41
CA GLY A 877 -24.80 25.53 37.81
C GLY A 877 -23.66 25.99 38.69
N ALA A 878 -22.42 25.62 38.33
CA ALA A 878 -21.27 26.05 39.11
C ALA A 878 -21.27 27.55 39.31
N ALA A 879 -21.44 28.31 38.23
CA ALA A 879 -21.52 29.76 38.34
C ALA A 879 -22.63 30.15 39.30
N ALA A 880 -23.84 29.63 39.07
CA ALA A 880 -24.96 29.92 39.96
C ALA A 880 -24.62 29.57 41.40
N TRP A 881 -23.86 28.50 41.60
CA TRP A 881 -23.47 28.11 42.95
C TRP A 881 -22.76 29.25 43.65
N TRP A 882 -21.77 29.86 42.99
CA TRP A 882 -21.03 30.94 43.65
C TRP A 882 -21.92 32.13 43.94
N PHE A 883 -23.03 32.26 43.21
CA PHE A 883 -23.95 33.36 43.44
C PHE A 883 -25.05 33.02 44.44
N ILE A 884 -25.14 31.77 44.90
CA ILE A 884 -26.26 31.39 45.73
C ILE A 884 -25.79 30.78 47.05
N ALA A 885 -24.91 29.78 46.98
CA ALA A 885 -24.54 29.02 48.16
C ALA A 885 -23.10 29.22 48.61
N ALA A 886 -22.29 29.95 47.85
CA ALA A 886 -20.90 30.15 48.26
C ALA A 886 -20.82 31.13 49.42
N ASP A 887 -19.96 30.81 50.38
CA ASP A 887 -19.79 31.70 51.54
C ASP A 887 -19.19 33.03 51.14
N GLY A 888 -18.13 33.00 50.33
CA GLY A 888 -17.50 34.23 49.88
C GLY A 888 -18.38 35.02 48.93
N GLY A 889 -19.23 34.32 48.18
CA GLY A 889 -20.09 34.95 47.21
C GLY A 889 -21.32 35.57 47.84
N PRO A 890 -21.89 36.58 47.18
CA PRO A 890 -23.12 37.21 47.70
C PRO A 890 -24.31 36.27 47.53
N ARG A 891 -24.85 35.80 48.66
CA ARG A 891 -25.92 34.81 48.64
C ARG A 891 -27.23 35.49 48.20
N VAL A 892 -27.30 35.76 46.90
CA VAL A 892 -28.50 36.38 46.34
C VAL A 892 -29.54 35.30 46.08
N SER A 893 -30.78 35.73 45.85
CA SER A 893 -31.86 34.80 45.54
C SER A 893 -31.88 34.51 44.04
N PHE A 894 -32.70 33.52 43.66
CA PHE A 894 -32.81 33.17 42.25
C PHE A 894 -33.42 34.31 41.45
N TYR A 895 -34.36 35.04 42.04
CA TYR A 895 -34.93 36.20 41.37
C TYR A 895 -33.86 37.28 41.15
N GLN A 896 -33.07 37.57 42.19
CA GLN A 896 -32.02 38.57 42.06
C GLN A 896 -30.93 38.09 41.11
N LEU A 897 -30.74 36.78 41.01
CA LEU A 897 -29.72 36.23 40.12
C LEU A 897 -30.14 36.33 38.67
N SER A 898 -31.38 35.93 38.37
CA SER A 898 -31.86 35.95 36.99
C SER A 898 -32.09 37.37 36.51
N HIS A 899 -32.45 38.29 37.40
CA HIS A 899 -32.76 39.67 37.05
C HIS A 899 -31.62 40.61 37.37
N PHE A 900 -30.38 40.17 37.16
CA PHE A 900 -29.23 41.01 37.45
C PHE A 900 -29.17 42.24 36.55
N LEU A 901 -29.99 42.31 35.52
CA LEU A 901 -30.06 43.51 34.70
C LEU A 901 -30.75 44.65 35.46
N GLN A 902 -31.72 44.31 36.30
CA GLN A 902 -32.41 45.33 37.08
C GLN A 902 -31.55 45.85 38.23
N CYS A 903 -30.43 45.19 38.52
CA CYS A 903 -29.57 45.62 39.63
C CYS A 903 -28.86 46.94 39.36
N LYS A 904 -28.89 47.44 38.11
CA LYS A 904 -28.27 48.72 37.82
C LYS A 904 -28.95 49.84 38.60
N GLU A 905 -30.25 49.70 38.85
CA GLU A 905 -30.97 50.68 39.65
C GLU A 905 -30.51 50.60 41.10
N ASP A 906 -30.78 51.67 41.87
CA ASP A 906 -30.23 51.77 43.22
C ASP A 906 -30.77 50.68 44.12
N ASN A 907 -32.09 50.66 44.35
CA ASN A 907 -32.67 49.65 45.23
C ASN A 907 -34.12 49.34 44.88
N PRO A 908 -34.40 48.86 43.66
CA PRO A 908 -35.79 48.46 43.36
C PRO A 908 -36.21 47.21 44.12
N ASP A 909 -35.39 46.16 44.03
CA ASP A 909 -35.61 44.92 44.77
C ASP A 909 -34.34 44.37 45.38
N PHE A 910 -33.18 44.94 45.07
CA PHE A 910 -31.89 44.48 45.58
C PHE A 910 -31.53 45.38 46.75
N GLU A 911 -31.70 44.87 47.97
CA GLU A 911 -31.63 45.72 49.14
C GLU A 911 -30.18 46.00 49.55
N GLY A 912 -29.30 45.01 49.43
CA GLY A 912 -27.95 45.18 49.90
C GLY A 912 -26.88 44.59 48.99
N VAL A 913 -27.28 43.91 47.93
CA VAL A 913 -26.32 43.25 47.06
C VAL A 913 -25.63 44.30 46.18
N ASP A 914 -24.40 43.99 45.78
CA ASP A 914 -23.63 44.90 44.96
C ASP A 914 -23.98 44.74 43.49
N CYS A 915 -23.93 45.84 42.75
CA CYS A 915 -24.10 45.77 41.31
C CYS A 915 -22.82 45.34 40.63
N ALA A 916 -21.67 45.69 41.23
CA ALA A 916 -20.39 45.34 40.63
C ALA A 916 -20.09 43.85 40.80
N ILE A 917 -20.69 43.22 41.80
CA ILE A 917 -20.43 41.81 42.06
C ILE A 917 -21.00 40.89 40.99
N PHE A 918 -21.92 41.39 40.16
CA PHE A 918 -22.41 40.58 39.05
C PHE A 918 -21.41 40.52 37.90
N GLU A 919 -20.30 41.24 37.99
CA GLU A 919 -19.20 41.14 37.04
C GLU A 919 -17.98 40.47 37.68
N SER A 920 -18.18 39.76 38.78
CA SER A 920 -17.07 39.14 39.48
C SER A 920 -16.50 37.97 38.66
N PRO A 921 -15.18 37.78 38.69
CA PRO A 921 -14.58 36.66 37.94
C PRO A 921 -14.62 35.33 38.66
N TYR A 922 -15.08 35.28 39.92
CA TYR A 922 -15.10 34.02 40.64
C TYR A 922 -16.08 33.02 40.04
N PRO A 923 -17.33 33.38 39.73
CA PRO A 923 -18.21 32.37 39.10
C PRO A 923 -17.77 31.98 37.71
N MET A 924 -17.16 32.90 36.96
CA MET A 924 -16.62 32.56 35.66
C MET A 924 -15.47 31.57 35.78
N THR A 925 -14.61 31.75 36.78
CA THR A 925 -13.53 30.78 37.00
C THR A 925 -14.10 29.44 37.45
N MET A 926 -15.16 29.46 38.27
CA MET A 926 -15.81 28.21 38.66
C MET A 926 -16.32 27.47 37.42
N ALA A 927 -17.00 28.18 36.52
CA ALA A 927 -17.52 27.56 35.32
C ALA A 927 -16.41 27.03 34.43
N LEU A 928 -15.35 27.82 34.25
CA LEU A 928 -14.25 27.38 33.40
C LEU A 928 -13.54 26.16 33.98
N SER A 929 -13.27 26.17 35.28
CA SER A 929 -12.61 25.04 35.92
C SER A 929 -13.49 23.79 35.87
N VAL A 930 -14.80 23.96 36.03
CA VAL A 930 -15.70 22.82 35.95
C VAL A 930 -15.69 22.25 34.53
N LEU A 931 -15.70 23.12 33.52
CA LEU A 931 -15.65 22.65 32.14
C LEU A 931 -14.34 21.90 31.86
N VAL A 932 -13.22 22.46 32.32
CA VAL A 932 -11.93 21.83 32.06
C VAL A 932 -11.81 20.50 32.78
N THR A 933 -12.32 20.43 34.01
CA THR A 933 -12.23 19.18 34.76
C THR A 933 -13.16 18.13 34.17
N ILE A 934 -14.34 18.54 33.71
CA ILE A 934 -15.24 17.61 33.04
C ILE A 934 -14.61 17.10 31.75
N GLU A 935 -13.89 17.97 31.04
CA GLU A 935 -13.24 17.52 29.81
C GLU A 935 -12.08 16.57 30.11
N MET A 936 -11.35 16.81 31.20
CA MET A 936 -10.31 15.88 31.58
C MET A 936 -10.88 14.52 31.98
N CYS A 937 -11.99 14.52 32.71
CA CYS A 937 -12.62 13.25 33.08
C CYS A 937 -13.22 12.55 31.86
N ASN A 938 -13.72 13.32 30.90
CA ASN A 938 -14.30 12.74 29.69
C ASN A 938 -13.22 12.21 28.77
N ALA A 939 -12.03 12.80 28.78
CA ALA A 939 -10.90 12.21 28.09
C ALA A 939 -10.40 10.97 28.82
N LEU A 940 -10.53 10.96 30.15
CA LEU A 940 -10.18 9.76 30.91
C LEU A 940 -11.07 8.59 30.52
N ASN A 941 -12.39 8.77 30.57
CA ASN A 941 -13.30 7.70 30.22
C ASN A 941 -13.58 7.61 28.72
N SER A 942 -12.78 8.27 27.90
CA SER A 942 -12.82 8.06 26.45
C SER A 942 -11.69 7.19 25.96
N LEU A 943 -11.07 6.43 26.87
CA LEU A 943 -9.95 5.56 26.50
C LEU A 943 -10.42 4.37 25.67
N SER A 944 -11.65 3.91 25.90
CA SER A 944 -12.23 2.81 25.14
C SER A 944 -13.70 3.11 24.90
N GLU A 945 -14.23 2.55 23.81
CA GLU A 945 -15.62 2.82 23.46
C GLU A 945 -16.59 2.16 24.44
N ASN A 946 -16.35 0.90 24.78
CA ASN A 946 -17.25 0.17 25.67
C ASN A 946 -16.57 -0.41 26.89
N GLN A 947 -15.25 -0.57 26.86
CA GLN A 947 -14.55 -1.11 28.03
C GLN A 947 -14.55 -0.10 29.16
N SER A 948 -14.99 -0.52 30.33
CA SER A 948 -15.11 0.38 31.47
C SER A 948 -13.72 0.83 31.93
N LEU A 949 -13.71 1.94 32.67
CA LEU A 949 -12.45 2.49 33.16
C LEU A 949 -11.83 1.59 34.22
N LEU A 950 -12.64 0.78 34.89
CA LEU A 950 -12.11 -0.12 35.91
C LEU A 950 -11.35 -1.28 35.27
N ARG A 951 -11.90 -1.86 34.21
CA ARG A 951 -11.25 -2.98 33.55
C ARG A 951 -10.08 -2.53 32.67
N MET A 952 -10.13 -1.30 32.16
CA MET A 952 -9.05 -0.71 31.38
C MET A 952 -8.61 0.57 32.09
N PRO A 953 -7.63 0.49 32.99
CA PRO A 953 -7.22 1.67 33.75
C PRO A 953 -6.58 2.71 32.84
N PRO A 954 -6.52 3.97 33.27
CA PRO A 954 -5.99 5.02 32.39
C PRO A 954 -4.50 4.93 32.12
N TRP A 955 -3.74 4.21 32.94
CA TRP A 955 -2.31 4.10 32.70
C TRP A 955 -1.97 3.15 31.55
N GLU A 956 -2.97 2.47 30.97
CA GLU A 956 -2.74 1.73 29.75
C GLU A 956 -2.25 2.66 28.64
N ASN A 957 -2.81 3.86 28.56
CA ASN A 957 -2.39 4.91 27.63
C ASN A 957 -1.70 5.98 28.46
N ILE A 958 -0.39 5.83 28.65
CA ILE A 958 0.36 6.79 29.45
C ILE A 958 0.39 8.15 28.78
N TRP A 959 0.25 8.20 27.46
CA TRP A 959 0.17 9.48 26.78
C TRP A 959 -1.09 10.23 27.16
N LEU A 960 -2.18 9.50 27.41
CA LEU A 960 -3.42 10.15 27.80
C LEU A 960 -3.29 10.83 29.16
N VAL A 961 -2.76 10.12 30.16
CA VAL A 961 -2.60 10.70 31.48
C VAL A 961 -1.55 11.80 31.46
N GLY A 962 -0.52 11.65 30.63
CA GLY A 962 0.45 12.72 30.48
C GLY A 962 -0.16 13.99 29.92
N SER A 963 -1.00 13.84 28.88
CA SER A 963 -1.64 15.01 28.28
C SER A 963 -2.67 15.61 29.23
N ILE A 964 -3.32 14.78 30.04
CA ILE A 964 -4.26 15.31 31.04
C ILE A 964 -3.50 16.13 32.07
N CYS A 965 -2.36 15.62 32.56
CA CYS A 965 -1.53 16.38 33.47
C CYS A 965 -1.07 17.68 32.83
N LEU A 966 -0.70 17.63 31.55
CA LEU A 966 -0.23 18.84 30.87
C LEU A 966 -1.35 19.86 30.71
N SER A 967 -2.55 19.40 30.40
CA SER A 967 -3.69 20.31 30.25
C SER A 967 -4.05 20.95 31.59
N MET A 968 -4.05 20.17 32.66
CA MET A 968 -4.32 20.73 33.98
C MET A 968 -3.23 21.71 34.40
N SER A 969 -1.97 21.40 34.06
CA SER A 969 -0.88 22.31 34.39
C SER A 969 -1.00 23.61 33.61
N LEU A 970 -1.41 23.55 32.35
CA LEU A 970 -1.57 24.77 31.56
C LEU A 970 -2.80 25.55 32.01
N HIS A 971 -3.81 24.85 32.54
CA HIS A 971 -4.97 25.54 33.10
C HIS A 971 -4.60 26.28 34.38
N PHE A 972 -3.86 25.62 35.27
CA PHE A 972 -3.38 26.30 36.48
C PHE A 972 -2.42 27.43 36.11
N LEU A 973 -1.69 27.28 35.01
CA LEU A 973 -0.84 28.35 34.51
C LEU A 973 -1.68 29.58 34.16
N ILE A 974 -2.85 29.36 33.56
CA ILE A 974 -3.73 30.48 33.22
C ILE A 974 -4.19 31.22 34.48
N LEU A 975 -4.20 30.52 35.62
CA LEU A 975 -4.74 31.12 36.84
C LEU A 975 -3.69 31.97 37.56
N TYR A 976 -2.44 31.51 37.61
CA TYR A 976 -1.49 32.03 38.58
C TYR A 976 -0.31 32.78 37.97
N VAL A 977 -0.24 32.93 36.65
CA VAL A 977 0.76 33.80 36.05
C VAL A 977 0.25 35.23 36.11
N GLU A 978 1.11 36.19 35.80
CA GLU A 978 0.75 37.60 35.95
C GLU A 978 -0.22 38.09 34.86
N PRO A 979 0.13 38.01 33.56
CA PRO A 979 -0.66 38.76 32.57
C PRO A 979 -1.87 38.03 32.02
N LEU A 980 -1.87 36.70 32.07
CA LEU A 980 -2.93 35.91 31.44
C LEU A 980 -4.25 35.95 32.21
N PRO A 981 -4.26 35.93 33.55
CA PRO A 981 -5.53 36.11 34.26
C PRO A 981 -6.23 37.43 33.97
N LEU A 982 -5.54 38.38 33.34
CA LEU A 982 -6.21 39.61 32.94
C LEU A 982 -6.88 39.45 31.58
N ILE A 983 -6.31 38.60 30.71
CA ILE A 983 -6.90 38.38 29.40
C ILE A 983 -8.23 37.65 29.52
N PHE A 984 -8.25 36.56 30.28
CA PHE A 984 -9.47 35.82 30.57
C PHE A 984 -10.06 36.34 31.88
N GLN A 985 -11.35 36.64 31.87
CA GLN A 985 -12.00 37.23 33.04
C GLN A 985 -12.16 36.15 34.12
N ILE A 986 -11.01 35.72 34.66
CA ILE A 986 -10.95 34.67 35.66
C ILE A 986 -9.91 35.02 36.71
N THR A 987 -10.06 34.43 37.88
CA THR A 987 -9.21 34.66 39.04
C THR A 987 -8.99 33.36 39.79
N PRO A 988 -7.83 33.18 40.43
CA PRO A 988 -7.58 31.92 41.15
C PRO A 988 -8.61 31.61 42.22
N LEU A 989 -8.64 30.36 42.66
CA LEU A 989 -9.61 29.85 43.61
C LEU A 989 -8.91 29.41 44.90
N ASN A 990 -9.70 28.86 45.82
CA ASN A 990 -9.19 28.29 47.07
C ASN A 990 -9.53 26.81 47.12
N VAL A 991 -9.27 26.18 48.27
CA VAL A 991 -9.40 24.74 48.37
C VAL A 991 -10.87 24.33 48.40
N THR A 992 -11.72 25.09 49.09
CA THR A 992 -13.12 24.72 49.20
C THR A 992 -13.82 24.83 47.84
N GLN A 993 -13.52 25.87 47.07
CA GLN A 993 -14.10 25.99 45.74
C GLN A 993 -13.58 24.90 44.81
N TRP A 994 -12.34 24.45 45.00
CA TRP A 994 -11.84 23.36 44.19
C TRP A 994 -12.52 22.04 44.54
N LEU A 995 -12.77 21.81 45.83
CA LEU A 995 -13.55 20.65 46.22
C LEU A 995 -14.95 20.71 45.62
N MET A 996 -15.54 21.90 45.56
CA MET A 996 -16.86 22.03 44.93
C MET A 996 -16.78 21.76 43.43
N VAL A 997 -15.74 22.26 42.77
CA VAL A 997 -15.52 21.98 41.35
C VAL A 997 -15.45 20.47 41.11
N LEU A 998 -14.70 19.76 41.98
CA LEU A 998 -14.60 18.32 41.84
C LEU A 998 -15.93 17.64 42.09
N LYS A 999 -16.67 18.08 43.11
CA LYS A 999 -18.00 17.52 43.37
C LYS A 999 -18.91 17.67 42.16
N ILE A 1000 -18.81 18.80 41.46
CA ILE A 1000 -19.69 19.05 40.32
C ILE A 1000 -19.23 18.26 39.11
N SER A 1001 -17.91 18.09 38.96
CA SER A 1001 -17.39 17.56 37.70
C SER A 1001 -17.30 16.04 37.69
N LEU A 1002 -16.92 15.43 38.82
CA LEU A 1002 -16.64 14.00 38.82
C LEU A 1002 -17.82 13.11 38.41
N PRO A 1003 -19.08 13.43 38.72
CA PRO A 1003 -20.18 12.53 38.29
C PRO A 1003 -20.24 12.27 36.79
N VAL A 1004 -19.48 12.98 35.97
CA VAL A 1004 -19.46 12.67 34.54
C VAL A 1004 -18.83 11.31 34.30
N ILE A 1005 -17.91 10.89 35.17
CA ILE A 1005 -17.32 9.56 35.06
C ILE A 1005 -18.38 8.51 35.34
N LEU A 1006 -19.18 8.71 36.39
CA LEU A 1006 -20.27 7.78 36.67
C LEU A 1006 -21.28 7.74 35.53
N MET A 1007 -21.58 8.90 34.95
CA MET A 1007 -22.51 8.95 33.81
C MET A 1007 -21.99 8.16 32.63
N ASP A 1008 -20.71 8.35 32.28
CA ASP A 1008 -20.16 7.63 31.14
C ASP A 1008 -20.01 6.15 31.44
N GLU A 1009 -19.74 5.78 32.69
CA GLU A 1009 -19.68 4.36 33.04
C GLU A 1009 -21.05 3.72 32.90
N THR A 1010 -22.10 4.42 33.32
CA THR A 1010 -23.45 3.90 33.13
C THR A 1010 -23.78 3.74 31.66
N LEU A 1011 -23.40 4.73 30.84
CA LEU A 1011 -23.66 4.63 29.41
C LEU A 1011 -22.90 3.47 28.79
N LYS A 1012 -21.64 3.27 29.19
CA LYS A 1012 -20.86 2.16 28.68
C LYS A 1012 -21.44 0.82 29.10
N PHE A 1013 -21.94 0.73 30.34
CA PHE A 1013 -22.59 -0.48 30.80
C PHE A 1013 -23.82 -0.79 29.96
N VAL A 1014 -24.65 0.22 29.70
CA VAL A 1014 -25.84 0.02 28.88
C VAL A 1014 -25.45 -0.41 27.47
N ALA A 1015 -24.37 0.18 26.94
CA ALA A 1015 -23.94 -0.16 25.58
C ALA A 1015 -23.43 -1.59 25.50
N ARG A 1016 -22.70 -2.04 26.52
CA ARG A 1016 -22.18 -3.41 26.51
C ARG A 1016 -23.30 -4.42 26.69
N ASN A 1017 -24.14 -4.21 27.70
CA ASN A 1017 -25.16 -5.21 28.02
C ASN A 1017 -26.26 -5.25 26.96
N TYR A 1018 -26.43 -4.17 26.20
CA TYR A 1018 -27.45 -4.12 25.17
C TYR A 1018 -26.90 -3.53 23.87
N GLY A 1041 -14.52 -4.52 38.33
CA GLY A 1041 -13.31 -3.87 38.82
C GLY A 1041 -12.09 -4.77 38.73
N ILE A 1042 -11.68 -5.08 37.50
CA ILE A 1042 -10.56 -5.99 37.29
C ILE A 1042 -9.27 -5.38 37.85
N SER A 1043 -9.06 -4.09 37.62
CA SER A 1043 -7.86 -3.41 38.11
C SER A 1043 -8.13 -2.89 39.51
N TRP A 1044 -7.89 -3.74 40.50
CA TRP A 1044 -8.06 -3.32 41.90
C TRP A 1044 -7.10 -2.23 42.34
N PRO A 1045 -5.85 -2.16 41.87
CA PRO A 1045 -5.01 -1.00 42.22
C PRO A 1045 -5.64 0.33 41.81
N PHE A 1046 -6.31 0.37 40.66
CA PHE A 1046 -6.98 1.60 40.26
C PHE A 1046 -8.09 1.96 41.24
N VAL A 1047 -8.84 0.96 41.70
CA VAL A 1047 -9.93 1.21 42.64
C VAL A 1047 -9.38 1.72 43.96
N LEU A 1048 -8.31 1.10 44.47
CA LEU A 1048 -7.75 1.54 45.74
C LEU A 1048 -7.01 2.86 45.59
N LEU A 1049 -6.70 3.26 44.35
CA LEU A 1049 -6.11 4.58 44.13
C LEU A 1049 -7.18 5.65 44.04
N ILE A 1050 -8.33 5.33 43.47
CA ILE A 1050 -9.38 6.35 43.33
C ILE A 1050 -10.27 6.45 44.56
N MET A 1051 -10.26 5.45 45.45
CA MET A 1051 -11.06 5.56 46.67
C MET A 1051 -10.64 6.73 47.55
N PRO A 1052 -9.36 7.01 47.77
CA PRO A 1052 -9.02 8.23 48.54
C PRO A 1052 -9.60 9.50 47.94
N LEU A 1053 -9.56 9.65 46.62
CA LEU A 1053 -10.09 10.85 45.99
C LEU A 1053 -11.60 10.96 46.21
N VAL A 1054 -12.33 9.85 46.10
CA VAL A 1054 -13.77 9.89 46.22
C VAL A 1054 -14.18 10.16 47.67
N ILE A 1055 -13.51 9.52 48.62
CA ILE A 1055 -13.87 9.72 50.02
C ILE A 1055 -13.45 11.11 50.50
N TRP A 1056 -12.39 11.66 49.89
CA TRP A 1056 -11.92 12.98 50.31
C TRP A 1056 -12.76 14.09 49.70
N VAL A 1057 -13.22 13.89 48.46
CA VAL A 1057 -14.04 14.90 47.79
C VAL A 1057 -15.43 14.94 48.41
N TYR A 1058 -16.11 13.79 48.49
CA TYR A 1058 -17.47 13.71 49.00
C TYR A 1058 -17.52 13.45 50.49
N SER A 1059 -16.50 13.86 51.24
CA SER A 1059 -16.49 13.68 52.68
C SER A 1059 -17.61 14.46 53.36
BE BEF B . 1.34 -10.42 -13.46
F1 BEF B . 2.75 -9.81 -13.46
F2 BEF B . 1.38 -11.99 -13.50
F3 BEF B . 0.56 -9.97 -14.71
MG MG C . 4.20 -8.66 -12.59
#